data_9GOX
#
_entry.id   9GOX
#
_cell.length_a   166.045
_cell.length_b   166.045
_cell.length_c   78.769
_cell.angle_alpha   90.00
_cell.angle_beta   90.00
_cell.angle_gamma   90.00
#
_symmetry.space_group_name_H-M   'P 43 21 2'
#
loop_
_entity.id
_entity.type
_entity.pdbx_description
1 polymer 'Fab B6-D9 heavy chain'
2 polymer 'Fab B6-D9 light chain'
3 polymer 'ADP-ribosyl cyclase/cyclic ADP-ribose hydrolase 1'
4 non-polymer 'SULFATE ION'
5 non-polymer 1,2-ETHANEDIOL
6 non-polymer 2-acetamido-2-deoxy-beta-D-glucopyranose
7 non-polymer GLYCEROL
8 non-polymer 'ACETATE ION'
9 non-polymer '4-(2-HYDROXYETHYL)-1-PIPERAZINE ETHANESULFONIC ACID'
10 water water
#
loop_
_entity_poly.entity_id
_entity_poly.type
_entity_poly.pdbx_seq_one_letter_code
_entity_poly.pdbx_strand_id
1 'polypeptide(L)'
;QVQLVQSGAEVKKPGSSVKVSCKASGGFFSHYIINWVRQAPGQGLEWMGRVIPVIDDAYYAQKFQGRVTITADESTSTAY
MELSSLRSEDTAVYYCARSRGYYGSFYFDIWGQGTLVTVSSASTKGPSVFPLAPSSKSTSGGTAALGCLVKDYFPEPVTV
SWNSGALTSGVHTFPAVLQSSGLYSLSSVVTVPSSSLGTQTYICNVNHKPSNTKVDKKVEPKSC
;
H
2 'polypeptide(L)'
;EIVMTQSPATLSVSPGERATLSCRASQSVSSNLAWYQQKPGQAPRLLIYGASTRATGIPARFSGSGSGTEFTLTISSLQS
EDFAVYYCQQYNNWPWTFGQGTKVEIKRTVAAPSVFIFPPSDEQLKSGTASVVCLLNNFYPREAKVQWKVDNALQSGNSQ
ESVTEQDSKDSTYSLSSTLTLSKADYEKHKVYACEVTHQGLSSPVTKSFNRGEC
;
L
3 'polypeptide(L)'
;RWRQQWSGPGTTKRFPETVLARCVKYTEIHPEMRHVDCQSVWDAFKGAFISKHPCNITEEDYQPLMKLGTQTVPCNKILL
WSRIKDLAHQFTQVQRDMFTLEDTLLGYLADDLTWCGEFNTSKINYQSCPDWRKDCSNNPVSVFWKTVSRRFAEAACDVV
HVMLNGSRSKIFDKNSTFGSVEVHNLQPEKVQTLEAWVIHGGREDSRDLCQDPTIKELESIISKRNIQFSCKNIYRPDKF
LQCVKNPEDSSCTSEIHHHHHHHH
;
A
#
loop_
_chem_comp.id
_chem_comp.type
_chem_comp.name
_chem_comp.formula
ACT non-polymer 'ACETATE ION' 'C2 H3 O2 -1'
EDO non-polymer 1,2-ETHANEDIOL 'C2 H6 O2'
EPE non-polymer '4-(2-HYDROXYETHYL)-1-PIPERAZINE ETHANESULFONIC ACID' 'C8 H18 N2 O4 S'
GOL non-polymer GLYCEROL 'C3 H8 O3'
NAG D-saccharide, beta linking 2-acetamido-2-deoxy-beta-D-glucopyranose 'C8 H15 N O6'
SO4 non-polymer 'SULFATE ION' 'O4 S -2'
#
# COMPACT_ATOMS: atom_id res chain seq x y z
N GLN A 1 6.68 12.70 -15.61
CA GLN A 1 5.40 13.36 -15.71
C GLN A 1 5.39 14.68 -14.95
N VAL A 2 4.58 15.65 -15.41
CA VAL A 2 4.32 16.93 -14.70
C VAL A 2 2.96 16.86 -13.97
N GLN A 3 2.06 15.99 -14.43
CA GLN A 3 0.73 15.76 -13.80
C GLN A 3 0.36 14.31 -14.09
N LEU A 4 -0.35 13.69 -13.15
CA LEU A 4 -0.89 12.32 -13.25
C LEU A 4 -2.41 12.40 -13.18
N VAL A 5 -3.08 11.87 -14.19
CA VAL A 5 -4.56 11.98 -14.36
C VAL A 5 -5.13 10.56 -14.29
N GLN A 6 -5.92 10.30 -13.25
CA GLN A 6 -6.49 8.96 -12.98
C GLN A 6 -7.92 8.90 -13.50
N SER A 7 -8.38 7.67 -13.78
CA SER A 7 -9.77 7.35 -14.18
C SER A 7 -10.73 7.54 -12.99
N GLY A 8 -12.03 7.48 -13.26
CA GLY A 8 -13.09 7.86 -12.32
C GLY A 8 -13.39 6.76 -11.32
N ALA A 9 -14.25 7.08 -10.36
CA ALA A 9 -14.63 6.20 -9.23
C ALA A 9 -15.16 4.87 -9.75
N GLU A 10 -14.86 3.78 -9.05
CA GLU A 10 -15.30 2.40 -9.40
C GLU A 10 -16.13 1.84 -8.24
N VAL A 11 -17.15 1.06 -8.56
CA VAL A 11 -17.99 0.32 -7.57
C VAL A 11 -18.01 -1.14 -8.03
N LYS A 12 -17.53 -2.06 -7.19
CA LYS A 12 -17.31 -3.49 -7.56
C LYS A 12 -17.93 -4.42 -6.51
N LYS A 13 -18.42 -5.58 -6.97
CA LYS A 13 -18.84 -6.72 -6.12
C LYS A 13 -17.59 -7.46 -5.67
N PRO A 14 -17.57 -8.12 -4.49
CA PRO A 14 -16.43 -8.94 -4.09
C PRO A 14 -16.14 -10.04 -5.12
N GLY A 15 -14.86 -10.37 -5.31
CA GLY A 15 -14.41 -11.41 -6.25
C GLY A 15 -14.18 -10.87 -7.65
N SER A 16 -14.70 -9.69 -8.01
CA SER A 16 -14.51 -9.07 -9.34
C SER A 16 -13.12 -8.43 -9.43
N SER A 17 -12.83 -7.77 -10.56
CA SER A 17 -11.53 -7.09 -10.84
CA SER A 17 -11.54 -7.08 -10.83
C SER A 17 -11.80 -5.62 -11.18
N VAL A 18 -10.81 -4.75 -10.89
CA VAL A 18 -10.84 -3.31 -11.26
C VAL A 18 -9.50 -2.96 -11.91
N LYS A 19 -9.54 -2.12 -12.93
CA LYS A 19 -8.34 -1.59 -13.62
C LYS A 19 -8.41 -0.06 -13.60
N VAL A 20 -7.49 0.57 -12.87
CA VAL A 20 -7.42 2.04 -12.72
C VAL A 20 -6.29 2.52 -13.62
N SER A 21 -6.52 3.61 -14.36
CA SER A 21 -5.55 4.18 -15.32
C SER A 21 -4.96 5.45 -14.71
N CYS A 22 -3.74 5.79 -15.15
CA CYS A 22 -2.93 6.93 -14.68
C CYS A 22 -2.21 7.49 -15.91
N LYS A 23 -2.71 8.59 -16.48
CA LYS A 23 -2.12 9.18 -17.70
C LYS A 23 -1.13 10.28 -17.31
N ALA A 24 0.12 10.14 -17.78
CA ALA A 24 1.25 11.03 -17.45
C ALA A 24 1.28 12.20 -18.42
N SER A 25 0.94 13.40 -17.97
CA SER A 25 1.12 14.65 -18.75
C SER A 25 2.63 14.87 -18.95
N GLY A 26 3.09 14.93 -20.19
CA GLY A 26 4.51 15.03 -20.54
C GLY A 26 5.18 13.68 -20.73
N GLY A 27 4.46 12.57 -20.56
CA GLY A 27 4.99 11.20 -20.72
C GLY A 27 5.74 10.72 -19.48
N PHE A 28 6.37 9.56 -19.60
CA PHE A 28 7.19 8.93 -18.53
C PHE A 28 8.62 9.45 -18.69
N PHE A 29 9.12 10.23 -17.72
CA PHE A 29 10.49 10.78 -17.76
C PHE A 29 11.48 9.64 -17.49
N SER A 30 12.61 9.65 -18.18
CA SER A 30 13.70 8.65 -18.03
C SER A 30 14.11 8.54 -16.57
N HIS A 31 14.16 7.31 -16.03
CA HIS A 31 14.67 6.97 -14.68
C HIS A 31 13.69 7.45 -13.58
N TYR A 32 12.44 7.76 -13.93
CA TYR A 32 11.34 7.95 -12.96
C TYR A 32 10.43 6.72 -13.01
N ILE A 33 9.79 6.45 -11.88
CA ILE A 33 8.96 5.24 -11.64
C ILE A 33 7.54 5.70 -11.28
N ILE A 34 6.53 4.92 -11.69
CA ILE A 34 5.13 5.14 -11.29
C ILE A 34 4.79 4.14 -10.19
N ASN A 35 4.48 4.65 -9.01
CA ASN A 35 4.13 3.86 -7.81
C ASN A 35 2.62 3.89 -7.67
N TRP A 36 2.08 2.87 -7.02
CA TRP A 36 0.65 2.85 -6.60
C TRP A 36 0.58 2.77 -5.08
N VAL A 37 -0.21 3.68 -4.51
CA VAL A 37 -0.38 3.86 -3.03
C VAL A 37 -1.88 3.95 -2.76
N ARG A 38 -2.38 3.21 -1.77
CA ARG A 38 -3.82 3.27 -1.45
C ARG A 38 -4.03 3.77 -0.01
N GLN A 39 -5.23 4.26 0.21
CA GLN A 39 -5.66 4.88 1.48
C GLN A 39 -7.13 4.53 1.72
N ALA A 40 -7.40 3.62 2.65
CA ALA A 40 -8.77 3.28 3.10
C ALA A 40 -9.38 4.55 3.69
N PRO A 41 -10.71 4.78 3.59
CA PRO A 41 -11.32 5.99 4.15
C PRO A 41 -10.95 6.19 5.63
N GLY A 42 -10.48 7.39 5.97
CA GLY A 42 -10.09 7.78 7.34
C GLY A 42 -8.82 7.12 7.84
N GLN A 43 -8.04 6.46 6.98
CA GLN A 43 -6.84 5.69 7.39
C GLN A 43 -5.60 6.24 6.65
N GLY A 44 -4.45 5.59 6.84
CA GLY A 44 -3.14 6.04 6.33
C GLY A 44 -2.81 5.47 4.96
N LEU A 45 -1.57 5.66 4.53
CA LEU A 45 -1.08 5.39 3.16
C LEU A 45 -0.33 4.04 3.17
N GLU A 46 -0.55 3.23 2.12
CA GLU A 46 0.09 1.90 1.96
C GLU A 46 0.63 1.79 0.52
N TRP A 47 1.95 1.68 0.38
CA TRP A 47 2.62 1.42 -0.93
C TRP A 47 2.28 0.01 -1.40
N MET A 48 1.83 -0.15 -2.64
CA MET A 48 1.37 -1.44 -3.20
C MET A 48 2.41 -2.02 -4.16
N GLY A 49 3.04 -1.18 -4.97
CA GLY A 49 3.86 -1.65 -6.08
C GLY A 49 4.17 -0.53 -7.06
N ARG A 50 4.95 -0.85 -8.08
CA ARG A 50 5.40 0.15 -9.05
C ARG A 50 5.63 -0.50 -10.40
N VAL A 51 5.83 0.34 -11.40
CA VAL A 51 6.31 -0.07 -12.75
C VAL A 51 7.45 0.87 -13.17
N ILE A 52 8.48 0.29 -13.78
CA ILE A 52 9.52 1.00 -14.57
C ILE A 52 8.96 1.08 -16.00
N PRO A 53 8.45 2.25 -16.47
CA PRO A 53 7.74 2.30 -17.74
C PRO A 53 8.49 1.81 -18.98
N VAL A 54 9.75 2.19 -19.15
CA VAL A 54 10.56 1.90 -20.39
C VAL A 54 10.64 0.38 -20.62
N ILE A 55 10.63 -0.44 -19.57
CA ILE A 55 10.77 -1.93 -19.71
C ILE A 55 9.51 -2.63 -19.20
N ASP A 56 8.49 -1.86 -18.81
CA ASP A 56 7.20 -2.37 -18.27
C ASP A 56 7.51 -3.39 -17.18
N ASP A 57 8.41 -3.06 -16.26
CA ASP A 57 8.91 -3.97 -15.20
C ASP A 57 8.20 -3.61 -13.90
N ALA A 58 7.43 -4.56 -13.34
CA ALA A 58 6.60 -4.37 -12.13
C ALA A 58 7.27 -5.01 -10.93
N TYR A 59 7.03 -4.44 -9.75
CA TYR A 59 7.56 -4.94 -8.46
C TYR A 59 6.51 -4.62 -7.40
N TYR A 60 6.14 -5.62 -6.60
CA TYR A 60 4.95 -5.59 -5.71
C TYR A 60 5.37 -5.83 -4.27
N ALA A 61 4.65 -5.20 -3.34
CA ALA A 61 4.67 -5.56 -1.90
C ALA A 61 4.15 -7.00 -1.78
N GLN A 62 4.71 -7.79 -0.87
CA GLN A 62 4.35 -9.21 -0.70
C GLN A 62 2.84 -9.35 -0.49
N LYS A 63 2.25 -8.44 0.29
CA LYS A 63 0.78 -8.36 0.57
C LYS A 63 -0.04 -8.44 -0.73
N PHE A 64 0.45 -7.88 -1.85
CA PHE A 64 -0.32 -7.77 -3.11
C PHE A 64 0.19 -8.67 -4.25
N GLN A 65 1.35 -9.33 -4.09
N GLN A 65 1.35 -9.32 -4.08
CA GLN A 65 1.92 -10.28 -5.09
CA GLN A 65 1.92 -10.29 -5.07
C GLN A 65 0.87 -11.36 -5.37
C GLN A 65 0.86 -11.36 -5.37
N GLY A 66 0.54 -11.59 -6.65
CA GLY A 66 -0.42 -12.62 -7.10
C GLY A 66 -1.83 -12.09 -7.32
N ARG A 67 -2.16 -10.90 -6.82
CA ARG A 67 -3.51 -10.28 -6.88
C ARG A 67 -3.50 -8.92 -7.61
N VAL A 68 -2.34 -8.27 -7.73
CA VAL A 68 -2.21 -6.94 -8.41
C VAL A 68 -1.32 -7.10 -9.65
N THR A 69 -1.69 -6.47 -10.76
N THR A 69 -1.70 -6.43 -10.73
CA THR A 69 -0.80 -6.30 -11.94
CA THR A 69 -0.87 -6.28 -11.96
C THR A 69 -0.69 -4.81 -12.26
C THR A 69 -0.70 -4.79 -12.25
N ILE A 70 0.54 -4.30 -12.22
CA ILE A 70 0.86 -2.89 -12.55
C ILE A 70 1.64 -2.92 -13.87
N THR A 71 1.21 -2.12 -14.83
N THR A 71 1.16 -2.16 -14.86
CA THR A 71 1.81 -2.06 -16.18
CA THR A 71 1.71 -2.09 -16.23
C THR A 71 1.88 -0.60 -16.63
C THR A 71 1.85 -0.61 -16.66
N ALA A 72 2.69 -0.35 -17.65
CA ALA A 72 2.84 0.99 -18.27
C ALA A 72 2.91 0.79 -19.78
N ASP A 73 2.20 1.66 -20.50
CA ASP A 73 2.18 1.72 -21.98
C ASP A 73 2.82 3.05 -22.37
N GLU A 74 4.11 3.02 -22.70
CA GLU A 74 4.90 4.17 -23.23
C GLU A 74 4.17 4.86 -24.38
N SER A 75 3.56 4.09 -25.29
N SER A 75 3.51 4.09 -25.26
CA SER A 75 2.85 4.57 -26.51
CA SER A 75 2.85 4.56 -26.52
C SER A 75 1.77 5.60 -26.13
C SER A 75 1.63 5.44 -26.25
N THR A 76 0.98 5.33 -25.08
CA THR A 76 -0.16 6.17 -24.66
C THR A 76 0.15 6.97 -23.39
N SER A 77 1.39 6.89 -22.88
CA SER A 77 1.83 7.54 -21.61
C SER A 77 0.86 7.20 -20.47
N THR A 78 0.39 5.95 -20.41
CA THR A 78 -0.63 5.50 -19.43
C THR A 78 -0.11 4.30 -18.64
N ALA A 79 -0.19 4.39 -17.31
CA ALA A 79 0.09 3.30 -16.36
C ALA A 79 -1.24 2.78 -15.83
N TYR A 80 -1.28 1.50 -15.46
CA TYR A 80 -2.51 0.86 -14.97
C TYR A 80 -2.19 0.06 -13.72
N MET A 81 -3.18 -0.01 -12.84
CA MET A 81 -3.19 -0.92 -11.67
CA MET A 81 -3.15 -0.96 -11.71
C MET A 81 -4.46 -1.77 -11.76
N GLU A 82 -4.30 -3.09 -11.90
CA GLU A 82 -5.42 -4.05 -11.95
C GLU A 82 -5.35 -4.87 -10.66
N LEU A 83 -6.38 -4.77 -9.81
CA LEU A 83 -6.50 -5.57 -8.57
C LEU A 83 -7.65 -6.56 -8.81
N SER A 84 -7.36 -7.85 -8.69
CA SER A 84 -8.30 -8.96 -8.97
C SER A 84 -8.74 -9.60 -7.66
N SER A 85 -9.76 -10.47 -7.70
CA SER A 85 -10.32 -11.16 -6.50
C SER A 85 -10.61 -10.09 -5.44
N LEU A 86 -11.32 -9.01 -5.82
CA LEU A 86 -11.52 -7.84 -4.93
C LEU A 86 -12.24 -8.29 -3.64
N ARG A 87 -11.79 -7.77 -2.50
CA ARG A 87 -12.39 -7.95 -1.16
C ARG A 87 -12.99 -6.62 -0.70
N SER A 88 -13.98 -6.65 0.19
CA SER A 88 -14.54 -5.43 0.84
C SER A 88 -13.42 -4.57 1.42
N GLU A 89 -12.37 -5.18 1.98
CA GLU A 89 -11.22 -4.49 2.62
C GLU A 89 -10.35 -3.77 1.58
N ASP A 90 -10.54 -4.00 0.28
CA ASP A 90 -9.83 -3.25 -0.79
C ASP A 90 -10.48 -1.87 -1.03
N THR A 91 -11.62 -1.59 -0.39
CA THR A 91 -12.29 -0.26 -0.46
C THR A 91 -11.25 0.79 -0.05
N ALA A 92 -10.85 1.66 -0.99
CA ALA A 92 -9.82 2.69 -0.71
C ALA A 92 -9.80 3.72 -1.83
N VAL A 93 -9.10 4.83 -1.59
CA VAL A 93 -8.62 5.72 -2.68
C VAL A 93 -7.27 5.17 -3.12
N TYR A 94 -7.13 4.91 -4.41
CA TYR A 94 -5.90 4.42 -5.07
C TYR A 94 -5.26 5.62 -5.77
N TYR A 95 -4.01 5.90 -5.42
CA TYR A 95 -3.17 6.97 -6.01
C TYR A 95 -2.03 6.37 -6.81
N CYS A 96 -1.84 6.93 -8.00
CA CYS A 96 -0.60 6.88 -8.81
CA CYS A 96 -0.54 6.79 -8.71
C CYS A 96 0.34 7.96 -8.27
N ALA A 97 1.62 7.68 -8.08
CA ALA A 97 2.60 8.65 -7.55
C ALA A 97 3.97 8.43 -8.18
N ARG A 98 4.54 9.51 -8.71
CA ARG A 98 5.88 9.50 -9.33
C ARG A 98 6.94 9.49 -8.22
N SER A 99 8.00 8.72 -8.42
CA SER A 99 9.29 8.86 -7.69
C SER A 99 10.42 8.82 -8.70
N ARG A 100 11.58 9.34 -8.31
CA ARG A 100 12.87 8.93 -8.90
C ARG A 100 12.91 7.40 -8.85
N GLY A 101 13.57 6.78 -9.83
CA GLY A 101 13.54 5.32 -10.01
C GLY A 101 14.80 4.61 -9.54
N TYR A 102 15.75 5.33 -8.95
CA TYR A 102 17.08 4.80 -8.55
C TYR A 102 17.22 4.76 -7.03
N TYR A 103 18.06 3.83 -6.57
CA TYR A 103 18.43 3.60 -5.15
C TYR A 103 18.56 4.92 -4.39
N GLY A 104 17.85 5.01 -3.27
CA GLY A 104 18.03 6.07 -2.25
C GLY A 104 17.14 7.28 -2.44
N SER A 105 16.22 7.32 -3.42
CA SER A 105 15.35 8.51 -3.68
C SER A 105 13.86 8.13 -3.82
N PHE A 106 13.39 7.09 -3.12
CA PHE A 106 12.01 6.57 -3.29
C PHE A 106 11.02 7.31 -2.36
N TYR A 107 10.87 8.60 -2.63
CA TYR A 107 9.80 9.48 -2.09
C TYR A 107 9.00 10.00 -3.28
N PHE A 108 7.75 10.40 -3.02
CA PHE A 108 6.68 10.55 -4.03
C PHE A 108 6.40 12.04 -4.25
N ASP A 109 6.82 12.58 -5.39
CA ASP A 109 6.90 14.06 -5.61
C ASP A 109 5.67 14.54 -6.39
N ILE A 110 5.07 13.71 -7.24
CA ILE A 110 3.87 14.07 -8.06
C ILE A 110 2.83 12.96 -7.87
N TRP A 111 1.63 13.36 -7.49
CA TRP A 111 0.52 12.41 -7.19
C TRP A 111 -0.64 12.68 -8.12
N GLY A 112 -1.27 11.60 -8.60
CA GLY A 112 -2.59 11.69 -9.24
C GLY A 112 -3.64 12.15 -8.23
N GLN A 113 -4.85 12.45 -8.71
CA GLN A 113 -5.92 13.07 -7.89
C GLN A 113 -6.59 12.00 -7.01
N GLY A 114 -6.30 10.72 -7.27
CA GLY A 114 -6.88 9.57 -6.55
C GLY A 114 -8.09 9.03 -7.29
N THR A 115 -8.32 7.72 -7.17
CA THR A 115 -9.50 6.99 -7.69
C THR A 115 -10.13 6.22 -6.53
N LEU A 116 -11.40 6.53 -6.19
CA LEU A 116 -12.14 5.77 -5.17
C LEU A 116 -12.59 4.45 -5.79
N VAL A 117 -12.21 3.34 -5.16
CA VAL A 117 -12.74 1.98 -5.46
C VAL A 117 -13.53 1.54 -4.22
N THR A 118 -14.85 1.37 -4.39
CA THR A 118 -15.78 0.82 -3.37
C THR A 118 -16.04 -0.63 -3.73
N VAL A 119 -15.65 -1.56 -2.85
CA VAL A 119 -15.98 -3.01 -2.97
C VAL A 119 -17.02 -3.35 -1.91
N SER A 120 -18.20 -3.79 -2.34
CA SER A 120 -19.34 -4.15 -1.47
C SER A 120 -20.23 -5.17 -2.18
N SER A 121 -20.87 -6.06 -1.42
CA SER A 121 -21.94 -6.96 -1.92
C SER A 121 -23.23 -6.16 -2.14
N ALA A 122 -23.33 -4.94 -1.61
CA ALA A 122 -24.49 -4.03 -1.78
C ALA A 122 -24.73 -3.74 -3.26
N SER A 123 -25.99 -3.47 -3.60
CA SER A 123 -26.48 -3.13 -4.94
C SER A 123 -26.95 -1.67 -4.94
N THR A 124 -26.85 -1.01 -6.10
CA THR A 124 -27.25 0.40 -6.29
C THR A 124 -28.66 0.59 -5.71
N LYS A 125 -28.82 1.60 -4.85
CA LYS A 125 -30.12 1.91 -4.18
C LYS A 125 -30.19 3.43 -3.95
N GLY A 126 -31.28 4.06 -4.40
CA GLY A 126 -31.57 5.47 -4.13
C GLY A 126 -31.92 5.68 -2.66
N PRO A 127 -31.60 6.85 -2.07
CA PRO A 127 -31.93 7.13 -0.67
C PRO A 127 -33.43 7.34 -0.48
N SER A 128 -33.93 7.03 0.73
CA SER A 128 -35.15 7.63 1.29
C SER A 128 -34.76 8.96 1.92
N VAL A 129 -35.57 10.00 1.69
CA VAL A 129 -35.33 11.37 2.22
C VAL A 129 -36.47 11.66 3.20
N PHE A 130 -36.12 11.84 4.47
CA PHE A 130 -37.06 12.08 5.58
C PHE A 130 -36.80 13.48 6.12
N PRO A 131 -37.85 14.30 6.37
CA PRO A 131 -37.66 15.62 6.95
C PRO A 131 -37.22 15.50 8.41
N LEU A 132 -36.33 16.40 8.82
CA LEU A 132 -36.02 16.72 10.24
C LEU A 132 -36.74 18.03 10.55
N ALA A 133 -37.94 17.91 11.12
CA ALA A 133 -38.93 19.01 11.24
C ALA A 133 -38.53 19.94 12.39
N PRO A 134 -38.55 21.27 12.20
CA PRO A 134 -38.33 22.20 13.31
C PRO A 134 -39.56 22.21 14.22
N SER A 135 -39.35 22.50 15.51
CA SER A 135 -40.39 22.45 16.57
C SER A 135 -39.94 23.35 17.73
N SER A 136 -40.56 23.24 18.91
CA SER A 136 -40.06 23.86 20.17
C SER A 136 -38.74 23.20 20.59
N LYS A 137 -38.63 21.87 20.42
CA LYS A 137 -37.43 21.07 20.83
C LYS A 137 -36.30 21.19 19.77
N SER A 138 -36.59 21.75 18.58
CA SER A 138 -35.60 22.14 17.55
C SER A 138 -35.51 23.67 17.41
N THR A 139 -35.88 24.42 18.45
CA THR A 139 -35.80 25.91 18.54
C THR A 139 -35.06 26.27 19.84
N SER A 140 -34.00 27.07 19.75
CA SER A 140 -33.29 27.69 20.91
C SER A 140 -33.32 29.22 20.75
N GLY A 141 -34.33 29.86 21.38
CA GLY A 141 -34.58 31.31 21.30
C GLY A 141 -34.98 31.75 19.90
N GLY A 142 -34.16 32.58 19.26
CA GLY A 142 -34.42 33.13 17.91
C GLY A 142 -34.06 32.14 16.81
N THR A 143 -33.25 31.11 17.11
CA THR A 143 -32.68 30.16 16.11
C THR A 143 -33.43 28.82 16.14
N ALA A 144 -33.90 28.36 14.99
CA ALA A 144 -34.50 27.03 14.78
C ALA A 144 -33.59 26.21 13.86
N ALA A 145 -33.44 24.92 14.17
CA ALA A 145 -32.73 23.94 13.32
C ALA A 145 -33.77 23.12 12.55
N LEU A 146 -33.51 22.86 11.28
CA LEU A 146 -34.26 21.87 10.47
C LEU A 146 -33.29 21.13 9.56
N GLY A 147 -33.75 20.05 8.94
CA GLY A 147 -32.87 19.25 8.07
C GLY A 147 -33.58 18.18 7.30
N CYS A 148 -32.78 17.33 6.66
CA CYS A 148 -33.21 16.12 5.93
CA CYS A 148 -33.25 16.10 6.01
C CYS A 148 -32.27 14.96 6.30
N LEU A 149 -32.83 13.81 6.61
CA LEU A 149 -32.14 12.53 6.83
C LEU A 149 -32.19 11.80 5.49
N VAL A 150 -31.02 11.56 4.90
CA VAL A 150 -30.83 10.88 3.59
C VAL A 150 -30.32 9.48 3.91
N LYS A 151 -31.23 8.50 3.90
CA LYS A 151 -31.02 7.20 4.58
C LYS A 151 -31.02 6.06 3.56
N ASP A 152 -30.09 5.10 3.72
CA ASP A 152 -30.12 3.75 3.09
C ASP A 152 -29.93 3.87 1.58
N TYR A 153 -28.80 4.45 1.16
CA TYR A 153 -28.41 4.58 -0.27
C TYR A 153 -27.11 3.82 -0.48
N PHE A 154 -26.83 3.47 -1.74
CA PHE A 154 -25.55 2.87 -2.17
C PHE A 154 -25.39 3.08 -3.66
N PRO A 155 -24.19 3.43 -4.17
CA PRO A 155 -23.01 3.81 -3.38
C PRO A 155 -22.98 5.29 -3.04
N GLU A 156 -21.89 5.74 -2.43
CA GLU A 156 -21.49 7.17 -2.38
C GLU A 156 -21.26 7.66 -3.82
N PRO A 157 -21.40 8.96 -4.13
CA PRO A 157 -21.86 10.00 -3.21
C PRO A 157 -23.34 10.39 -3.35
N VAL A 158 -23.86 11.12 -2.37
CA VAL A 158 -25.09 11.95 -2.54
C VAL A 158 -24.69 13.41 -2.37
N THR A 159 -25.51 14.31 -2.91
CA THR A 159 -25.35 15.77 -2.74
C THR A 159 -26.66 16.29 -2.16
N VAL A 160 -26.58 17.29 -1.27
CA VAL A 160 -27.75 18.01 -0.71
C VAL A 160 -27.53 19.51 -0.90
N SER A 161 -28.53 20.20 -1.46
CA SER A 161 -28.65 21.67 -1.47
C SER A 161 -29.94 22.06 -0.75
N TRP A 162 -30.04 23.32 -0.35
CA TRP A 162 -31.25 23.91 0.29
C TRP A 162 -31.81 25.04 -0.57
N ASN A 163 -33.11 24.96 -0.89
CA ASN A 163 -33.86 25.93 -1.72
C ASN A 163 -33.11 26.16 -3.04
N SER A 164 -32.69 25.07 -3.69
CA SER A 164 -32.00 25.03 -5.01
C SER A 164 -30.71 25.87 -5.00
N GLY A 165 -30.04 25.98 -3.85
CA GLY A 165 -28.78 26.73 -3.69
C GLY A 165 -28.99 28.14 -3.12
N ALA A 166 -30.23 28.61 -3.00
CA ALA A 166 -30.59 29.94 -2.45
C ALA A 166 -30.24 30.02 -0.96
N LEU A 167 -30.27 28.88 -0.25
CA LEU A 167 -29.88 28.77 1.19
C LEU A 167 -28.59 27.97 1.29
N THR A 168 -27.51 28.63 1.75
CA THR A 168 -26.16 28.03 1.94
C THR A 168 -25.59 28.37 3.35
N SER A 169 -25.97 29.51 3.93
CA SER A 169 -25.49 29.97 5.26
C SER A 169 -26.09 29.10 6.36
N GLY A 170 -25.25 28.59 7.27
CA GLY A 170 -25.67 27.76 8.41
C GLY A 170 -25.96 26.31 8.03
N VAL A 171 -25.69 25.89 6.78
CA VAL A 171 -25.91 24.48 6.33
C VAL A 171 -24.71 23.63 6.77
N HIS A 172 -25.00 22.47 7.37
CA HIS A 172 -24.03 21.38 7.65
C HIS A 172 -24.56 20.08 7.05
N THR A 173 -23.89 19.57 6.01
CA THR A 173 -24.15 18.22 5.45
C THR A 173 -23.08 17.30 6.04
N PHE A 174 -23.52 16.35 6.86
CA PHE A 174 -22.60 15.47 7.63
C PHE A 174 -21.99 14.44 6.68
N PRO A 175 -20.74 13.97 6.98
CA PRO A 175 -20.21 12.77 6.34
C PRO A 175 -21.16 11.58 6.48
N ALA A 176 -21.33 10.81 5.40
CA ALA A 176 -22.10 9.54 5.39
C ALA A 176 -21.50 8.57 6.41
N VAL A 177 -22.34 7.80 7.09
CA VAL A 177 -21.88 6.62 7.88
C VAL A 177 -22.39 5.37 7.16
N LEU A 178 -21.53 4.36 7.09
CA LEU A 178 -21.87 3.03 6.56
C LEU A 178 -22.57 2.25 7.68
N GLN A 179 -23.79 1.76 7.41
CA GLN A 179 -24.58 0.94 8.36
C GLN A 179 -24.23 -0.55 8.14
N SER A 180 -24.69 -1.43 9.03
CA SER A 180 -24.38 -2.88 9.00
CA SER A 180 -24.41 -2.89 9.02
C SER A 180 -25.04 -3.54 7.78
N SER A 181 -26.10 -2.92 7.25
CA SER A 181 -26.79 -3.34 6.01
C SER A 181 -25.89 -3.19 4.77
N GLY A 182 -24.81 -2.41 4.86
CA GLY A 182 -23.97 -2.04 3.71
C GLY A 182 -24.49 -0.81 2.99
N LEU A 183 -25.51 -0.15 3.55
CA LEU A 183 -26.10 1.09 3.00
C LEU A 183 -25.57 2.29 3.81
N TYR A 184 -25.39 3.41 3.12
CA TYR A 184 -24.92 4.69 3.70
C TYR A 184 -26.12 5.48 4.20
N SER A 185 -25.87 6.38 5.14
CA SER A 185 -26.87 7.30 5.70
C SER A 185 -26.17 8.59 6.14
N LEU A 186 -26.89 9.70 6.01
CA LEU A 186 -26.34 11.07 6.06
C LEU A 186 -27.47 12.01 6.46
N SER A 187 -27.19 13.02 7.28
CA SER A 187 -28.11 14.16 7.54
C SER A 187 -27.50 15.46 7.00
N SER A 188 -28.37 16.32 6.49
CA SER A 188 -28.07 17.73 6.17
C SER A 188 -28.99 18.60 7.02
N VAL A 189 -28.42 19.55 7.76
CA VAL A 189 -29.16 20.43 8.70
C VAL A 189 -28.85 21.90 8.35
N VAL A 190 -29.75 22.80 8.73
CA VAL A 190 -29.54 24.27 8.60
C VAL A 190 -30.18 24.94 9.81
N THR A 191 -29.52 25.98 10.33
CA THR A 191 -30.06 26.89 11.37
C THR A 191 -30.67 28.10 10.64
N VAL A 192 -31.88 28.50 11.03
CA VAL A 192 -32.61 29.65 10.43
C VAL A 192 -33.28 30.40 11.57
N PRO A 193 -33.72 31.67 11.36
CA PRO A 193 -34.56 32.37 12.34
C PRO A 193 -35.87 31.61 12.62
N SER A 194 -36.24 31.47 13.89
CA SER A 194 -37.53 30.92 14.38
C SER A 194 -38.71 31.64 13.71
N SER A 195 -38.60 32.96 13.58
CA SER A 195 -39.64 33.88 13.01
C SER A 195 -39.90 33.58 11.54
N SER A 196 -38.98 32.91 10.82
CA SER A 196 -39.09 32.61 9.37
C SER A 196 -39.90 31.33 9.10
N LEU A 197 -40.20 30.53 10.13
CA LEU A 197 -40.80 29.17 9.96
C LEU A 197 -42.22 29.25 9.41
N GLY A 198 -42.99 30.27 9.81
CA GLY A 198 -44.38 30.49 9.35
C GLY A 198 -44.44 30.88 7.88
N THR A 199 -43.40 31.54 7.37
CA THR A 199 -43.41 32.32 6.10
C THR A 199 -42.46 31.66 5.07
N GLN A 200 -41.19 31.45 5.42
CA GLN A 200 -40.14 30.92 4.52
C GLN A 200 -40.33 29.40 4.36
N THR A 201 -40.52 28.94 3.13
CA THR A 201 -40.54 27.50 2.74
C THR A 201 -39.09 27.00 2.70
N TYR A 202 -38.86 25.78 3.20
CA TYR A 202 -37.54 25.12 3.21
C TYR A 202 -37.65 23.75 2.52
N ILE A 203 -36.93 23.59 1.42
CA ILE A 203 -36.85 22.35 0.62
C ILE A 203 -35.38 21.91 0.62
N CYS A 204 -35.10 20.64 0.93
CA CYS A 204 -33.78 20.01 0.65
C CYS A 204 -33.87 19.31 -0.70
N ASN A 205 -32.85 19.51 -1.53
CA ASN A 205 -32.73 18.94 -2.89
C ASN A 205 -31.63 17.88 -2.81
N VAL A 206 -32.00 16.61 -2.96
CA VAL A 206 -31.06 15.47 -2.79
C VAL A 206 -30.88 14.84 -4.16
N ASN A 207 -29.61 14.67 -4.57
N ASN A 207 -29.62 14.63 -4.56
CA ASN A 207 -29.21 14.01 -5.84
CA ASN A 207 -29.25 14.00 -5.85
C ASN A 207 -28.38 12.77 -5.47
C ASN A 207 -28.35 12.81 -5.55
N HIS A 208 -28.77 11.62 -6.00
CA HIS A 208 -27.97 10.37 -5.96
C HIS A 208 -27.81 9.93 -7.42
N LYS A 209 -26.76 10.41 -8.08
CA LYS A 209 -26.54 10.21 -9.54
C LYS A 209 -26.51 8.72 -9.85
N PRO A 210 -25.76 7.87 -9.11
CA PRO A 210 -25.67 6.44 -9.44
C PRO A 210 -26.99 5.68 -9.62
N SER A 211 -28.07 6.11 -8.95
CA SER A 211 -29.42 5.52 -9.03
C SER A 211 -30.36 6.45 -9.82
N ASN A 212 -29.84 7.54 -10.41
CA ASN A 212 -30.58 8.63 -11.09
C ASN A 212 -31.71 9.17 -10.20
N THR A 213 -31.50 9.23 -8.89
CA THR A 213 -32.50 9.76 -7.91
C THR A 213 -32.29 11.26 -7.77
N LYS A 214 -33.37 12.03 -7.96
CA LYS A 214 -33.46 13.48 -7.68
CA LYS A 214 -33.45 13.48 -7.66
C LYS A 214 -34.72 13.70 -6.83
N VAL A 215 -34.57 13.99 -5.54
CA VAL A 215 -35.71 14.20 -4.59
C VAL A 215 -35.65 15.64 -4.07
N ASP A 216 -36.81 16.30 -4.04
CA ASP A 216 -37.04 17.58 -3.33
C ASP A 216 -38.04 17.29 -2.21
N LYS A 217 -37.66 17.53 -0.96
CA LYS A 217 -38.52 17.30 0.23
C LYS A 217 -38.72 18.64 0.95
N LYS A 218 -39.96 19.12 1.01
CA LYS A 218 -40.36 20.28 1.84
C LYS A 218 -40.28 19.85 3.30
N VAL A 219 -39.61 20.64 4.13
CA VAL A 219 -39.46 20.40 5.60
C VAL A 219 -40.40 21.38 6.29
N GLU A 220 -41.49 20.86 6.88
CA GLU A 220 -42.61 21.65 7.45
C GLU A 220 -42.46 21.67 8.98
N PRO A 221 -42.73 22.82 9.66
CA PRO A 221 -42.72 22.86 11.11
C PRO A 221 -43.75 21.94 11.76
N LYS A 222 -43.40 21.31 12.87
CA LYS A 222 -44.32 20.67 13.85
C LYS A 222 -44.53 21.63 15.03
N SER A 223 -45.65 21.49 15.75
CA SER A 223 -46.03 22.32 16.92
C SER A 223 -46.42 21.43 18.10
N GLU B 1 9.09 -5.25 7.87
CA GLU B 1 9.10 -3.83 7.37
C GLU B 1 9.27 -2.87 8.55
N ILE B 2 9.81 -1.68 8.26
CA ILE B 2 10.01 -0.61 9.27
C ILE B 2 8.64 -0.02 9.63
N VAL B 3 8.30 0.00 10.91
CA VAL B 3 7.06 0.61 11.45
C VAL B 3 7.38 2.07 11.80
N MET B 4 6.60 2.99 11.22
CA MET B 4 6.70 4.45 11.47
C MET B 4 5.54 4.83 12.37
N THR B 5 5.83 5.50 13.49
CA THR B 5 4.82 5.93 14.50
CA THR B 5 4.81 5.93 14.47
C THR B 5 4.92 7.45 14.66
N GLN B 6 3.81 8.15 14.48
CA GLN B 6 3.73 9.62 14.63
C GLN B 6 2.99 9.95 15.91
N SER B 7 3.38 11.05 16.55
CA SER B 7 2.72 11.61 17.75
C SER B 7 2.72 13.14 17.65
N PRO B 8 1.70 13.83 18.19
CA PRO B 8 0.47 13.21 18.68
C PRO B 8 -0.44 12.84 17.50
N ALA B 9 -1.53 12.12 17.75
CA ALA B 9 -2.59 11.82 16.74
C ALA B 9 -3.24 13.12 16.27
N THR B 10 -3.52 14.04 17.21
CA THR B 10 -4.11 15.38 16.95
C THR B 10 -3.30 16.43 17.69
N LEU B 11 -3.05 17.57 17.04
CA LEU B 11 -2.34 18.74 17.63
C LEU B 11 -3.21 19.98 17.42
N SER B 12 -3.68 20.61 18.50
CA SER B 12 -4.46 21.87 18.48
C SER B 12 -3.50 23.06 18.59
N VAL B 13 -3.47 23.93 17.58
CA VAL B 13 -2.49 25.04 17.47
C VAL B 13 -3.24 26.31 17.07
N SER B 14 -2.94 27.43 17.75
CA SER B 14 -3.49 28.77 17.44
C SER B 14 -2.85 29.27 16.16
N PRO B 15 -3.59 29.93 15.24
CA PRO B 15 -2.98 30.55 14.06
C PRO B 15 -1.85 31.51 14.48
N GLY B 16 -0.71 31.46 13.79
CA GLY B 16 0.48 32.28 14.06
C GLY B 16 1.47 31.60 14.98
N GLU B 17 1.07 30.51 15.66
CA GLU B 17 1.91 29.79 16.66
C GLU B 17 2.65 28.61 15.99
N ARG B 18 3.51 27.97 16.77
CA ARG B 18 4.46 26.90 16.35
C ARG B 18 3.79 25.54 16.52
N ALA B 19 3.91 24.65 15.53
CA ALA B 19 3.55 23.22 15.62
C ALA B 19 4.83 22.39 15.53
N THR B 20 4.97 21.39 16.42
CA THR B 20 6.09 20.42 16.45
C THR B 20 5.49 19.01 16.35
N LEU B 21 5.72 18.32 15.23
CA LEU B 21 5.16 16.95 15.03
C LEU B 21 6.31 15.95 15.13
N SER B 22 6.05 14.80 15.71
CA SER B 22 7.07 13.75 15.93
C SER B 22 6.79 12.55 15.02
N CYS B 23 7.87 11.94 14.54
CA CYS B 23 7.87 10.69 13.74
C CYS B 23 8.97 9.79 14.30
N ARG B 24 8.64 8.55 14.61
CA ARG B 24 9.57 7.55 15.16
C ARG B 24 9.64 6.37 14.19
N ALA B 25 10.83 5.85 13.91
CA ALA B 25 11.06 4.63 13.11
C ALA B 25 11.42 3.48 14.07
N SER B 26 10.87 2.28 13.85
CA SER B 26 11.11 1.05 14.65
C SER B 26 12.60 0.65 14.62
N GLN B 27 13.32 0.98 13.55
CA GLN B 27 14.80 0.88 13.45
C GLN B 27 15.31 2.05 12.61
N SER B 28 16.62 2.30 12.60
CA SER B 28 17.23 3.49 11.93
C SER B 28 16.86 3.50 10.44
N VAL B 29 16.52 4.69 9.92
CA VAL B 29 16.25 4.93 8.48
C VAL B 29 17.22 6.01 7.99
N SER B 30 18.35 6.19 8.71
CA SER B 30 19.36 7.24 8.43
CA SER B 30 19.36 7.25 8.45
C SER B 30 18.62 8.59 8.28
N SER B 31 18.84 9.33 7.20
CA SER B 31 18.10 10.60 6.93
CA SER B 31 18.12 10.61 6.91
C SER B 31 17.14 10.42 5.74
N ASN B 32 16.78 9.18 5.43
CA ASN B 32 15.88 8.85 4.30
C ASN B 32 14.44 8.91 4.80
N LEU B 33 14.00 10.11 5.16
CA LEU B 33 12.66 10.36 5.74
C LEU B 33 12.03 11.55 5.03
N ALA B 34 10.80 11.35 4.56
CA ALA B 34 10.00 12.37 3.85
C ALA B 34 8.79 12.75 4.69
N TRP B 35 8.28 13.97 4.49
CA TRP B 35 7.04 14.48 5.11
C TRP B 35 6.06 14.90 4.01
N TYR B 36 4.78 14.61 4.23
CA TYR B 36 3.66 14.93 3.33
C TYR B 36 2.57 15.67 4.11
N GLN B 37 1.89 16.58 3.43
CA GLN B 37 0.66 17.25 3.88
C GLN B 37 -0.49 16.67 3.07
N GLN B 38 -1.61 16.37 3.72
CA GLN B 38 -2.83 15.95 3.02
C GLN B 38 -4.04 16.68 3.58
N LYS B 39 -4.82 17.33 2.70
CA LYS B 39 -6.12 17.93 3.03
C LYS B 39 -7.24 17.07 2.48
N PRO B 40 -8.47 17.12 3.06
CA PRO B 40 -9.58 16.29 2.60
C PRO B 40 -9.85 16.44 1.08
N GLY B 41 -10.04 15.31 0.39
CA GLY B 41 -10.36 15.26 -1.04
C GLY B 41 -9.15 15.46 -1.94
N GLN B 42 -7.94 15.58 -1.37
CA GLN B 42 -6.70 15.87 -2.13
C GLN B 42 -5.71 14.72 -1.90
N ALA B 43 -4.81 14.52 -2.86
CA ALA B 43 -3.62 13.67 -2.77
C ALA B 43 -2.66 14.25 -1.75
N PRO B 44 -1.80 13.41 -1.11
CA PRO B 44 -0.69 13.92 -0.33
C PRO B 44 0.20 14.83 -1.18
N ARG B 45 0.84 15.79 -0.51
CA ARG B 45 1.79 16.77 -1.09
C ARG B 45 3.14 16.63 -0.37
N LEU B 46 4.21 16.45 -1.12
CA LEU B 46 5.59 16.34 -0.57
C LEU B 46 6.01 17.71 0.00
N LEU B 47 6.42 17.72 1.27
CA LEU B 47 6.95 18.92 1.99
C LEU B 47 8.46 18.86 2.10
N ILE B 48 8.96 17.72 2.58
CA ILE B 48 10.38 17.51 2.99
CA ILE B 48 10.35 17.48 3.04
C ILE B 48 10.82 16.12 2.53
N TYR B 49 12.06 16.00 2.09
CA TYR B 49 12.80 14.73 1.86
C TYR B 49 14.20 14.87 2.48
N GLY B 50 14.89 13.74 2.68
CA GLY B 50 16.22 13.74 3.32
C GLY B 50 16.15 14.30 4.73
N ALA B 51 15.02 14.12 5.42
CA ALA B 51 14.71 14.56 6.81
C ALA B 51 14.61 16.09 6.93
N SER B 52 15.34 16.88 6.15
CA SER B 52 15.49 18.35 6.40
C SER B 52 15.48 19.20 5.12
N THR B 53 15.30 18.63 3.92
CA THR B 53 15.37 19.38 2.64
C THR B 53 13.94 19.66 2.18
N ARG B 54 13.56 20.93 2.09
CA ARG B 54 12.24 21.36 1.58
C ARG B 54 12.15 21.02 0.10
N ALA B 55 11.03 20.41 -0.30
CA ALA B 55 10.66 20.19 -1.72
C ALA B 55 10.45 21.56 -2.37
N THR B 56 10.52 21.61 -3.69
CA THR B 56 10.48 22.86 -4.49
C THR B 56 9.16 23.59 -4.17
N GLY B 57 9.27 24.88 -3.84
CA GLY B 57 8.13 25.79 -3.63
C GLY B 57 7.54 25.68 -2.23
N ILE B 58 8.07 24.83 -1.36
CA ILE B 58 7.56 24.66 0.03
C ILE B 58 8.09 25.84 0.87
N PRO B 59 7.21 26.57 1.60
CA PRO B 59 7.64 27.73 2.39
C PRO B 59 8.66 27.43 3.51
N ALA B 60 9.48 28.43 3.86
CA ALA B 60 10.57 28.36 4.85
C ALA B 60 10.04 28.04 6.25
N ARG B 61 8.78 28.34 6.56
CA ARG B 61 8.17 28.07 7.90
C ARG B 61 8.14 26.56 8.20
N PHE B 62 8.12 25.69 7.18
CA PHE B 62 8.23 24.21 7.36
C PHE B 62 9.70 23.86 7.47
N SER B 63 10.12 23.21 8.55
CA SER B 63 11.50 22.68 8.66
C SER B 63 11.47 21.29 9.28
N GLY B 64 12.31 20.41 8.76
CA GLY B 64 12.43 19.03 9.25
C GLY B 64 13.74 18.85 9.94
N SER B 65 13.81 17.98 10.94
CA SER B 65 15.08 17.60 11.61
C SER B 65 15.00 16.15 12.07
N GLY B 66 16.16 15.60 12.40
CA GLY B 66 16.33 14.27 12.99
C GLY B 66 17.09 13.34 12.06
N SER B 67 17.49 12.19 12.60
CA SER B 67 18.31 11.16 11.92
C SER B 67 18.11 9.85 12.67
N GLY B 68 18.31 8.71 12.03
CA GLY B 68 18.17 7.41 12.70
C GLY B 68 16.72 7.05 12.95
N THR B 69 16.23 7.18 14.18
CA THR B 69 14.89 6.67 14.61
C THR B 69 13.94 7.80 15.02
N GLU B 70 14.41 9.05 15.15
CA GLU B 70 13.62 10.13 15.79
C GLU B 70 13.68 11.37 14.91
N PHE B 71 12.52 11.88 14.50
CA PHE B 71 12.37 12.98 13.51
C PHE B 71 11.31 13.96 13.98
N THR B 72 11.44 15.20 13.51
CA THR B 72 10.53 16.32 13.86
C THR B 72 10.23 17.14 12.60
N LEU B 73 8.96 17.47 12.39
CA LEU B 73 8.50 18.54 11.47
C LEU B 73 8.08 19.71 12.34
N THR B 74 8.67 20.87 12.11
CA THR B 74 8.30 22.13 12.82
C THR B 74 7.66 23.07 11.79
N ILE B 75 6.46 23.58 12.10
CA ILE B 75 5.82 24.69 11.36
C ILE B 75 5.88 25.90 12.28
N SER B 76 6.71 26.89 11.95
CA SER B 76 7.20 27.92 12.91
C SER B 76 6.11 28.95 13.22
N SER B 77 5.22 29.23 12.25
CA SER B 77 4.06 30.14 12.43
C SER B 77 2.89 29.67 11.56
N LEU B 78 1.88 29.07 12.17
CA LEU B 78 0.83 28.30 11.44
C LEU B 78 -0.10 29.28 10.70
N GLN B 79 -0.14 29.17 9.37
CA GLN B 79 -1.11 29.89 8.50
C GLN B 79 -2.36 29.02 8.36
N SER B 80 -3.49 29.60 7.94
CA SER B 80 -4.80 28.92 7.80
C SER B 80 -4.70 27.73 6.83
N GLU B 81 -3.84 27.83 5.80
CA GLU B 81 -3.65 26.77 4.77
C GLU B 81 -2.76 25.61 5.30
N ASP B 82 -2.21 25.68 6.52
CA ASP B 82 -1.32 24.64 7.11
C ASP B 82 -2.08 23.63 7.95
N PHE B 83 -3.36 23.90 8.24
CA PHE B 83 -4.25 22.99 9.00
C PHE B 83 -4.66 21.86 8.06
N ALA B 84 -4.26 20.64 8.41
CA ALA B 84 -4.15 19.47 7.53
C ALA B 84 -3.62 18.28 8.33
N VAL B 85 -3.58 17.12 7.68
CA VAL B 85 -2.95 15.89 8.20
C VAL B 85 -1.53 15.83 7.61
N TYR B 86 -0.59 15.40 8.44
CA TYR B 86 0.85 15.31 8.09
C TYR B 86 1.27 13.86 8.28
N TYR B 87 1.99 13.32 7.31
CA TYR B 87 2.48 11.93 7.29
C TYR B 87 3.99 11.93 7.06
N CYS B 88 4.70 11.07 7.77
CA CYS B 88 6.12 10.78 7.51
C CYS B 88 6.20 9.48 6.70
N GLN B 89 7.32 9.27 6.03
CA GLN B 89 7.57 8.08 5.17
C GLN B 89 9.07 7.80 5.14
N GLN B 90 9.47 6.57 5.46
CA GLN B 90 10.89 6.14 5.33
C GLN B 90 11.09 5.59 3.91
N TYR B 91 12.26 5.87 3.33
CA TYR B 91 12.71 5.26 2.05
C TYR B 91 14.14 4.71 2.25
N ASN B 92 14.42 4.15 3.44
CA ASN B 92 15.72 3.50 3.76
C ASN B 92 15.65 1.99 3.54
N ASN B 93 14.50 1.37 3.80
CA ASN B 93 14.29 -0.10 3.72
C ASN B 93 13.02 -0.38 2.92
N TRP B 94 13.14 -1.09 1.80
CA TRP B 94 11.95 -1.58 1.04
C TRP B 94 11.31 -2.68 1.88
N PRO B 95 9.95 -2.79 2.00
CA PRO B 95 9.00 -1.88 1.34
C PRO B 95 8.76 -0.55 2.06
N TRP B 96 8.44 0.46 1.27
CA TRP B 96 8.23 1.87 1.72
C TRP B 96 7.03 1.91 2.68
N THR B 97 7.20 2.55 3.84
CA THR B 97 6.17 2.59 4.91
C THR B 97 5.94 4.02 5.37
N PHE B 98 4.72 4.29 5.80
CA PHE B 98 4.23 5.63 6.24
C PHE B 98 3.78 5.55 7.70
N GLY B 99 3.96 6.65 8.43
CA GLY B 99 3.27 6.87 9.71
C GLY B 99 1.76 6.97 9.50
N GLN B 100 0.96 6.82 10.56
CA GLN B 100 -0.53 6.88 10.51
C GLN B 100 -1.01 8.33 10.66
N GLY B 101 -0.11 9.31 10.74
CA GLY B 101 -0.46 10.72 10.53
C GLY B 101 -0.74 11.49 11.82
N THR B 102 -0.53 12.81 11.77
CA THR B 102 -0.92 13.79 12.81
C THR B 102 -1.87 14.80 12.17
N LYS B 103 -3.06 14.97 12.73
CA LYS B 103 -3.98 16.06 12.31
C LYS B 103 -3.63 17.31 13.10
N VAL B 104 -3.30 18.40 12.39
CA VAL B 104 -3.10 19.74 13.00
C VAL B 104 -4.41 20.52 12.81
N GLU B 105 -5.12 20.77 13.91
CA GLU B 105 -6.43 21.48 13.93
C GLU B 105 -6.26 22.86 14.57
N ILE B 106 -7.21 23.75 14.30
CA ILE B 106 -7.20 25.18 14.72
C ILE B 106 -7.65 25.24 16.19
N LYS B 107 -6.78 25.76 17.07
CA LYS B 107 -7.16 26.14 18.45
CA LYS B 107 -7.13 26.16 18.46
C LYS B 107 -7.91 27.48 18.40
N ARG B 108 -9.06 27.56 19.06
CA ARG B 108 -9.85 28.80 19.23
C ARG B 108 -10.46 28.75 20.64
N THR B 109 -11.24 29.77 21.00
CA THR B 109 -11.91 29.85 22.32
C THR B 109 -12.98 28.76 22.41
N VAL B 110 -13.24 28.29 23.63
CA VAL B 110 -14.33 27.33 23.96
C VAL B 110 -15.65 27.93 23.43
N ALA B 111 -16.44 27.13 22.72
CA ALA B 111 -17.79 27.49 22.22
C ALA B 111 -18.73 26.32 22.54
N ALA B 112 -19.80 26.60 23.28
CA ALA B 112 -20.82 25.62 23.68
C ALA B 112 -21.64 25.24 22.45
N PRO B 113 -22.05 23.96 22.30
CA PRO B 113 -22.96 23.60 21.21
C PRO B 113 -24.37 24.10 21.51
N SER B 114 -25.07 24.62 20.50
CA SER B 114 -26.55 24.69 20.47
CA SER B 114 -26.55 24.69 20.51
C SER B 114 -27.07 23.28 20.16
N VAL B 115 -27.98 22.75 20.98
CA VAL B 115 -28.47 21.34 20.89
C VAL B 115 -29.91 21.34 20.34
N PHE B 116 -30.19 20.43 19.42
CA PHE B 116 -31.51 20.26 18.76
C PHE B 116 -31.81 18.77 18.63
N ILE B 117 -33.07 18.38 18.88
CA ILE B 117 -33.53 16.97 18.72
C ILE B 117 -34.63 16.97 17.67
N PHE B 118 -34.68 15.91 16.86
CA PHE B 118 -35.67 15.73 15.76
C PHE B 118 -36.32 14.38 15.93
N PRO B 119 -37.68 14.32 16.06
CA PRO B 119 -38.38 13.05 16.12
C PRO B 119 -38.39 12.40 14.74
N PRO B 120 -38.74 11.10 14.66
CA PRO B 120 -38.87 10.45 13.36
C PRO B 120 -40.07 11.04 12.58
N SER B 121 -39.91 11.13 11.27
CA SER B 121 -40.92 11.60 10.29
C SER B 121 -42.02 10.54 10.13
N ASP B 122 -43.21 10.97 9.71
CA ASP B 122 -44.36 10.10 9.32
C ASP B 122 -43.91 9.20 8.17
N GLU B 123 -43.21 9.77 7.19
CA GLU B 123 -42.62 9.06 6.04
C GLU B 123 -41.86 7.82 6.54
N GLN B 124 -40.92 8.01 7.47
CA GLN B 124 -40.01 6.93 7.93
C GLN B 124 -40.78 5.87 8.72
N LEU B 125 -41.73 6.28 9.57
CA LEU B 125 -42.52 5.34 10.42
C LEU B 125 -43.34 4.39 9.53
N LYS B 126 -43.80 4.84 8.36
CA LYS B 126 -44.48 3.98 7.36
C LYS B 126 -43.53 2.88 6.85
N SER B 127 -42.21 3.04 7.00
CA SER B 127 -41.17 2.09 6.51
C SER B 127 -40.83 1.04 7.58
N GLY B 128 -41.35 1.15 8.80
CA GLY B 128 -41.11 0.17 9.89
C GLY B 128 -39.87 0.48 10.73
N THR B 129 -39.31 1.68 10.60
CA THR B 129 -38.10 2.11 11.36
CA THR B 129 -38.07 2.14 11.31
C THR B 129 -38.30 3.55 11.85
N ALA B 130 -37.61 3.90 12.93
CA ALA B 130 -37.66 5.23 13.57
C ALA B 130 -36.24 5.70 13.83
N SER B 131 -35.84 6.81 13.19
CA SER B 131 -34.53 7.47 13.42
C SER B 131 -34.80 8.74 14.22
N VAL B 132 -34.05 8.93 15.31
CA VAL B 132 -34.11 10.13 16.17
C VAL B 132 -32.74 10.81 16.06
N VAL B 133 -32.73 12.09 15.71
CA VAL B 133 -31.47 12.81 15.40
C VAL B 133 -31.25 13.88 16.47
N CYS B 134 -30.08 13.85 17.10
CA CYS B 134 -29.58 14.92 17.99
C CYS B 134 -28.51 15.72 17.24
N LEU B 135 -28.66 17.05 17.17
CA LEU B 135 -27.71 17.96 16.49
C LEU B 135 -27.00 18.84 17.54
N LEU B 136 -25.66 18.78 17.54
CA LEU B 136 -24.78 19.70 18.29
C LEU B 136 -24.16 20.66 17.27
N ASN B 137 -24.54 21.94 17.32
CA ASN B 137 -24.18 22.95 16.29
C ASN B 137 -23.07 23.88 16.80
N ASN B 138 -22.01 24.02 16.01
CA ASN B 138 -20.95 25.06 16.10
C ASN B 138 -20.34 25.10 17.52
N PHE B 139 -19.60 24.06 17.89
CA PHE B 139 -18.93 23.95 19.21
C PHE B 139 -17.41 23.79 19.03
N TYR B 140 -16.67 24.17 20.06
CA TYR B 140 -15.22 23.95 20.17
C TYR B 140 -14.86 23.80 21.65
N PRO B 141 -14.00 22.83 22.07
CA PRO B 141 -13.36 21.84 21.19
C PRO B 141 -14.23 20.67 20.74
N ARG B 142 -13.67 19.76 19.94
CA ARG B 142 -14.38 18.63 19.29
C ARG B 142 -14.92 17.64 20.34
N GLU B 143 -14.25 17.52 21.49
CA GLU B 143 -14.60 16.54 22.55
C GLU B 143 -16.01 16.90 23.06
N ALA B 144 -16.96 15.96 22.94
CA ALA B 144 -18.36 16.13 23.40
C ALA B 144 -18.95 14.75 23.73
N LYS B 145 -19.61 14.63 24.88
CA LYS B 145 -20.37 13.42 25.30
C LYS B 145 -21.83 13.65 24.89
N VAL B 146 -22.39 12.73 24.09
CA VAL B 146 -23.82 12.73 23.68
C VAL B 146 -24.44 11.42 24.20
N GLN B 147 -25.27 11.53 25.24
CA GLN B 147 -25.93 10.39 25.91
C GLN B 147 -27.39 10.36 25.47
N TRP B 148 -27.82 9.27 24.85
CA TRP B 148 -29.25 8.99 24.54
C TRP B 148 -29.93 8.44 25.80
N LYS B 149 -31.01 9.10 26.23
CA LYS B 149 -31.84 8.70 27.39
C LYS B 149 -33.26 8.40 26.90
N VAL B 150 -33.71 7.16 27.10
CA VAL B 150 -35.05 6.65 26.71
C VAL B 150 -35.84 6.32 27.98
N ASP B 151 -36.90 7.09 28.28
CA ASP B 151 -37.65 7.07 29.56
C ASP B 151 -36.65 7.10 30.73
N ASN B 152 -35.68 8.01 30.66
CA ASN B 152 -34.67 8.32 31.72
C ASN B 152 -33.55 7.26 31.80
N ALA B 153 -33.58 6.20 30.99
CA ALA B 153 -32.53 5.14 30.98
C ALA B 153 -31.51 5.41 29.87
N LEU B 154 -30.21 5.32 30.16
CA LEU B 154 -29.12 5.40 29.14
C LEU B 154 -29.28 4.27 28.12
N GLN B 155 -29.39 4.60 26.83
CA GLN B 155 -29.47 3.62 25.71
C GLN B 155 -28.24 3.79 24.82
N SER B 156 -27.24 2.93 25.00
CA SER B 156 -26.04 2.83 24.14
C SER B 156 -26.29 1.78 23.04
N GLY B 157 -25.59 1.90 21.91
CA GLY B 157 -25.43 0.81 20.93
C GLY B 157 -26.56 0.72 19.92
N ASN B 158 -27.34 1.78 19.75
CA ASN B 158 -28.24 1.96 18.58
C ASN B 158 -28.01 3.35 17.97
N SER B 159 -26.90 4.02 18.29
CA SER B 159 -26.62 5.42 17.87
C SER B 159 -25.33 5.48 17.03
N GLN B 160 -25.35 6.31 15.99
CA GLN B 160 -24.17 6.60 15.12
C GLN B 160 -23.90 8.10 15.18
N GLU B 161 -22.62 8.45 15.36
CA GLU B 161 -22.15 9.87 15.35
C GLU B 161 -21.46 10.16 14.01
N SER B 162 -21.61 11.39 13.56
CA SER B 162 -20.90 11.97 12.40
C SER B 162 -20.55 13.41 12.78
N VAL B 163 -19.32 13.84 12.42
CA VAL B 163 -18.76 15.18 12.74
C VAL B 163 -18.27 15.83 11.44
N THR B 164 -18.62 17.10 11.22
CA THR B 164 -18.13 17.94 10.11
C THR B 164 -16.64 18.19 10.27
N GLU B 165 -15.97 18.57 9.20
CA GLU B 165 -14.61 19.18 9.28
C GLU B 165 -14.74 20.53 9.99
N GLN B 166 -13.67 20.94 10.66
CA GLN B 166 -13.56 22.26 11.31
C GLN B 166 -14.00 23.35 10.32
N ASP B 167 -14.93 24.22 10.73
CA ASP B 167 -15.55 25.24 9.85
C ASP B 167 -14.49 26.25 9.39
N SER B 168 -14.57 26.66 8.12
CA SER B 168 -13.61 27.59 7.46
C SER B 168 -13.70 28.99 8.08
N LYS B 169 -14.89 29.43 8.53
CA LYS B 169 -15.14 30.80 9.04
C LYS B 169 -14.86 30.86 10.55
N ASP B 170 -15.45 29.98 11.37
CA ASP B 170 -15.46 30.13 12.86
C ASP B 170 -14.68 29.01 13.58
N SER B 171 -14.07 28.06 12.85
CA SER B 171 -13.18 26.99 13.39
C SER B 171 -13.93 26.03 14.34
N THR B 172 -15.26 25.94 14.25
CA THR B 172 -16.08 25.06 15.12
C THR B 172 -16.37 23.75 14.41
N TYR B 173 -16.87 22.79 15.18
CA TYR B 173 -17.38 21.48 14.73
C TYR B 173 -18.88 21.46 14.90
N SER B 174 -19.56 20.68 14.06
CA SER B 174 -20.96 20.24 14.27
C SER B 174 -21.00 18.70 14.26
N LEU B 175 -21.94 18.13 15.00
CA LEU B 175 -22.06 16.67 15.27
C LEU B 175 -23.53 16.28 15.22
N SER B 176 -23.83 15.19 14.51
CA SER B 176 -25.15 14.50 14.51
C SER B 176 -24.98 13.20 15.27
N SER B 177 -25.91 12.90 16.20
CA SER B 177 -26.06 11.56 16.80
C SER B 177 -27.43 11.06 16.38
N THR B 178 -27.47 9.89 15.73
CA THR B 178 -28.70 9.29 15.15
C THR B 178 -28.98 7.98 15.89
N LEU B 179 -30.09 7.93 16.62
CA LEU B 179 -30.61 6.70 17.27
C LEU B 179 -31.61 6.04 16.30
N THR B 180 -31.35 4.81 15.86
CA THR B 180 -32.24 4.08 14.93
C THR B 180 -32.84 2.86 15.63
N LEU B 181 -34.16 2.77 15.67
CA LEU B 181 -34.92 1.65 16.26
C LEU B 181 -35.92 1.11 15.23
N SER B 182 -36.25 -0.18 15.31
CA SER B 182 -37.49 -0.74 14.70
C SER B 182 -38.67 0.09 15.21
N LYS B 183 -39.72 0.25 14.41
CA LYS B 183 -40.97 0.94 14.83
C LYS B 183 -41.52 0.25 16.09
N ALA B 184 -41.38 -1.07 16.18
CA ALA B 184 -41.81 -1.90 17.34
C ALA B 184 -41.08 -1.44 18.61
N ASP B 185 -39.74 -1.35 18.57
CA ASP B 185 -38.90 -0.94 19.72
C ASP B 185 -39.17 0.53 20.07
N TYR B 186 -39.28 1.41 19.07
CA TYR B 186 -39.60 2.85 19.23
C TYR B 186 -40.89 3.03 20.05
N GLU B 187 -41.89 2.18 19.81
CA GLU B 187 -43.23 2.29 20.44
C GLU B 187 -43.22 1.74 21.87
N LYS B 188 -42.19 0.99 22.28
CA LYS B 188 -42.06 0.44 23.67
C LYS B 188 -41.73 1.54 24.70
N HIS B 189 -41.36 2.74 24.27
CA HIS B 189 -40.89 3.84 25.15
C HIS B 189 -41.62 5.13 24.77
N LYS B 190 -41.59 6.15 25.64
CA LYS B 190 -42.34 7.43 25.49
C LYS B 190 -41.38 8.62 25.35
N VAL B 191 -40.43 8.76 26.28
CA VAL B 191 -39.54 9.97 26.38
C VAL B 191 -38.24 9.64 25.65
N TYR B 192 -37.93 10.41 24.61
CA TYR B 192 -36.64 10.33 23.85
C TYR B 192 -35.85 11.60 24.12
N ALA B 193 -34.66 11.43 24.69
CA ALA B 193 -33.82 12.55 25.17
C ALA B 193 -32.37 12.34 24.71
N CYS B 194 -31.73 13.43 24.30
CA CYS B 194 -30.27 13.46 24.08
CA CYS B 194 -30.28 13.52 24.03
C CYS B 194 -29.65 14.47 25.06
N GLU B 195 -28.68 13.98 25.84
CA GLU B 195 -28.01 14.73 26.94
C GLU B 195 -26.57 14.99 26.49
N VAL B 196 -26.20 16.26 26.44
CA VAL B 196 -24.92 16.75 25.86
C VAL B 196 -24.08 17.32 27.01
N THR B 197 -22.94 16.70 27.27
CA THR B 197 -21.85 17.22 28.13
C THR B 197 -20.75 17.79 27.23
N HIS B 198 -20.31 19.02 27.50
CA HIS B 198 -19.26 19.74 26.75
C HIS B 198 -18.58 20.75 27.68
N GLN B 199 -17.30 21.06 27.42
CA GLN B 199 -16.46 21.97 28.23
C GLN B 199 -17.17 23.31 28.42
N GLY B 200 -17.81 23.84 27.37
CA GLY B 200 -18.43 25.17 27.35
C GLY B 200 -19.80 25.23 27.99
N LEU B 201 -20.34 24.10 28.49
CA LEU B 201 -21.65 24.06 29.21
C LEU B 201 -21.37 23.87 30.71
N SER B 202 -21.94 24.75 31.55
CA SER B 202 -21.83 24.69 33.04
C SER B 202 -22.32 23.34 33.55
N SER B 203 -23.47 22.88 33.04
CA SER B 203 -24.07 21.53 33.31
C SER B 203 -24.60 20.94 32.01
N PRO B 204 -24.80 19.60 31.92
CA PRO B 204 -25.29 18.98 30.69
C PRO B 204 -26.63 19.55 30.19
N VAL B 205 -26.77 19.70 28.87
CA VAL B 205 -27.99 20.20 28.18
C VAL B 205 -28.77 18.99 27.65
N THR B 206 -30.05 18.86 28.04
CA THR B 206 -30.98 17.81 27.57
C THR B 206 -32.02 18.44 26.63
N LYS B 207 -32.17 17.87 25.43
CA LYS B 207 -33.36 18.10 24.57
C LYS B 207 -34.13 16.78 24.52
N SER B 208 -35.46 16.83 24.61
CA SER B 208 -36.35 15.64 24.63
C SER B 208 -37.68 15.94 23.95
N PHE B 209 -38.38 14.87 23.56
CA PHE B 209 -39.80 14.89 23.13
C PHE B 209 -40.48 13.63 23.67
N ASN B 210 -41.81 13.70 23.73
CA ASN B 210 -42.71 12.54 23.96
C ASN B 210 -43.16 12.00 22.61
N ARG B 211 -42.95 10.71 22.37
CA ARG B 211 -43.49 10.00 21.19
C ARG B 211 -45.01 10.25 21.12
N GLY B 212 -45.53 10.59 19.93
CA GLY B 212 -46.97 10.79 19.69
C GLY B 212 -47.39 12.23 19.86
N GLU B 213 -46.99 12.87 20.97
CA GLU B 213 -47.19 14.32 21.24
C GLU B 213 -46.19 15.09 20.39
N CYS B 214 -46.39 15.10 19.06
CA CYS B 214 -45.42 15.52 18.01
C CYS B 214 -44.10 14.74 18.15
N GLN C 4 8.24 -43.65 -22.01
CA GLN C 4 8.88 -42.34 -22.38
C GLN C 4 10.41 -42.42 -22.25
N GLN C 5 11.16 -42.20 -23.35
CA GLN C 5 12.64 -42.08 -23.30
C GLN C 5 13.09 -40.72 -23.86
N TRP C 6 13.87 -40.00 -23.07
CA TRP C 6 14.31 -38.61 -23.34
C TRP C 6 15.72 -38.61 -23.96
N SER C 7 16.15 -37.43 -24.42
CA SER C 7 17.49 -37.21 -25.03
C SER C 7 18.55 -37.00 -23.96
N GLY C 8 18.18 -36.56 -22.76
CA GLY C 8 19.14 -36.13 -21.74
C GLY C 8 19.51 -37.27 -20.78
N PRO C 9 20.63 -37.15 -20.05
CA PRO C 9 21.00 -38.12 -19.03
C PRO C 9 19.92 -38.25 -17.94
N GLY C 10 19.80 -39.43 -17.35
CA GLY C 10 18.84 -39.72 -16.27
C GLY C 10 19.18 -39.00 -14.99
N THR C 11 18.32 -39.08 -13.99
CA THR C 11 18.59 -38.53 -12.63
C THR C 11 19.98 -38.97 -12.16
N THR C 12 20.73 -38.06 -11.55
CA THR C 12 22.05 -38.35 -10.96
C THR C 12 21.91 -39.56 -10.03
N LYS C 13 22.78 -40.56 -10.19
CA LYS C 13 22.74 -41.76 -9.33
C LYS C 13 22.91 -41.32 -7.88
N ARG C 14 22.09 -41.88 -7.00
CA ARG C 14 22.08 -41.66 -5.53
C ARG C 14 21.59 -40.24 -5.19
N PHE C 15 20.81 -39.63 -6.08
CA PHE C 15 20.08 -38.35 -5.84
C PHE C 15 19.43 -38.35 -4.46
N PRO C 16 18.60 -39.35 -4.06
CA PRO C 16 17.93 -39.30 -2.76
C PRO C 16 18.89 -39.19 -1.56
N GLU C 17 19.96 -39.98 -1.59
CA GLU C 17 21.04 -39.99 -0.58
C GLU C 17 21.77 -38.65 -0.56
N THR C 18 22.11 -38.12 -1.74
CA THR C 18 22.87 -36.85 -1.87
C THR C 18 22.03 -35.70 -1.33
N VAL C 19 20.75 -35.61 -1.71
CA VAL C 19 19.88 -34.48 -1.26
C VAL C 19 19.76 -34.55 0.27
N LEU C 20 19.53 -35.73 0.85
CA LEU C 20 19.35 -35.85 2.33
C LEU C 20 20.66 -35.52 3.05
N ALA C 21 21.80 -36.08 2.59
CA ALA C 21 23.15 -35.88 3.19
C ALA C 21 23.57 -34.41 3.07
N ARG C 22 23.29 -33.76 1.94
CA ARG C 22 23.60 -32.32 1.77
C ARG C 22 22.75 -31.50 2.73
N CYS C 23 21.47 -31.85 2.89
CA CYS C 23 20.57 -31.11 3.80
C CYS C 23 21.08 -31.22 5.25
N VAL C 24 21.42 -32.43 5.70
CA VAL C 24 21.95 -32.68 7.07
C VAL C 24 23.30 -31.97 7.24
N LYS C 25 24.21 -32.05 6.26
CA LYS C 25 25.52 -31.38 6.37
C LYS C 25 25.33 -29.86 6.45
N TYR C 26 24.53 -29.27 5.55
CA TYR C 26 24.35 -27.79 5.47
C TYR C 26 23.80 -27.28 6.80
N THR C 27 22.76 -27.92 7.34
CA THR C 27 22.06 -27.48 8.59
C THR C 27 22.92 -27.71 9.84
N GLU C 28 23.94 -28.57 9.77
N GLU C 28 23.95 -28.57 9.78
CA GLU C 28 24.98 -28.78 10.82
CA GLU C 28 24.98 -28.75 10.85
C GLU C 28 26.02 -27.65 10.74
C GLU C 28 26.01 -27.63 10.74
N ILE C 29 26.51 -27.35 9.54
CA ILE C 29 27.54 -26.29 9.28
C ILE C 29 26.95 -24.88 9.54
N HIS C 30 25.67 -24.67 9.27
CA HIS C 30 24.98 -23.34 9.34
C HIS C 30 23.92 -23.39 10.43
N PRO C 31 24.25 -23.03 11.70
CA PRO C 31 23.31 -23.18 12.81
C PRO C 31 22.07 -22.27 12.69
N GLU C 32 22.14 -21.21 11.87
CA GLU C 32 20.96 -20.36 11.55
C GLU C 32 19.90 -21.16 10.76
N MET C 33 20.25 -22.32 10.19
CA MET C 33 19.28 -23.19 9.45
C MET C 33 19.03 -24.52 10.21
N ARG C 34 19.44 -24.63 11.47
CA ARG C 34 19.30 -25.87 12.30
C ARG C 34 17.82 -26.24 12.50
N HIS C 35 16.89 -25.29 12.38
CA HIS C 35 15.42 -25.50 12.48
C HIS C 35 14.88 -26.38 11.34
N VAL C 36 15.61 -26.53 10.23
CA VAL C 36 15.09 -27.24 9.02
C VAL C 36 14.98 -28.75 9.29
N ASP C 37 13.83 -29.34 8.98
CA ASP C 37 13.61 -30.81 9.04
C ASP C 37 13.99 -31.37 7.67
N CYS C 38 15.11 -32.09 7.59
CA CYS C 38 15.67 -32.58 6.30
C CYS C 38 14.78 -33.67 5.70
N GLN C 39 14.06 -34.45 6.52
CA GLN C 39 13.03 -35.40 6.05
C GLN C 39 11.94 -34.64 5.28
N SER C 40 11.48 -33.52 5.87
CA SER C 40 10.45 -32.64 5.27
C SER C 40 10.97 -32.07 3.94
N VAL C 41 12.25 -31.66 3.90
CA VAL C 41 12.91 -31.07 2.69
C VAL C 41 12.89 -32.13 1.58
N TRP C 42 13.30 -33.37 1.87
CA TRP C 42 13.31 -34.49 0.89
C TRP C 42 11.90 -34.75 0.36
N ASP C 43 10.90 -34.85 1.24
CA ASP C 43 9.50 -35.13 0.84
C ASP C 43 8.96 -33.98 -0.03
N ALA C 44 9.27 -32.72 0.30
CA ALA C 44 8.83 -31.54 -0.47
C ALA C 44 9.53 -31.50 -1.85
N PHE C 45 10.81 -31.87 -1.90
CA PHE C 45 11.62 -31.88 -3.15
C PHE C 45 11.06 -32.97 -4.07
N LYS C 46 11.06 -34.21 -3.60
CA LYS C 46 10.50 -35.39 -4.29
C LYS C 46 9.08 -35.09 -4.79
N GLY C 47 8.25 -34.48 -3.94
CA GLY C 47 6.83 -34.16 -4.22
C GLY C 47 6.67 -33.18 -5.38
N ALA C 48 7.68 -32.33 -5.65
CA ALA C 48 7.64 -31.36 -6.76
C ALA C 48 7.48 -32.07 -8.11
N PHE C 49 8.08 -33.25 -8.31
CA PHE C 49 8.26 -33.82 -9.67
C PHE C 49 7.86 -35.31 -9.78
N ILE C 50 7.79 -36.09 -8.70
CA ILE C 50 7.44 -37.53 -8.78
C ILE C 50 6.03 -37.65 -9.34
N SER C 51 5.80 -38.64 -10.21
CA SER C 51 4.48 -38.95 -10.85
CA SER C 51 4.49 -38.96 -10.85
C SER C 51 4.05 -37.85 -11.81
N LYS C 52 4.96 -36.94 -12.18
CA LYS C 52 4.64 -35.82 -13.10
C LYS C 52 5.30 -36.08 -14.45
N HIS C 53 4.63 -35.71 -15.53
CA HIS C 53 5.29 -35.47 -16.85
C HIS C 53 6.38 -34.45 -16.59
N PRO C 54 7.68 -34.77 -16.81
CA PRO C 54 8.77 -33.88 -16.40
C PRO C 54 8.86 -32.54 -17.13
N CYS C 55 8.09 -32.33 -18.21
CA CYS C 55 7.97 -31.00 -18.86
C CYS C 55 6.76 -30.24 -18.33
N ASN C 56 6.03 -30.80 -17.36
CA ASN C 56 4.81 -30.19 -16.77
C ASN C 56 5.05 -29.81 -15.31
N ILE C 57 6.28 -29.42 -14.96
CA ILE C 57 6.65 -28.94 -13.61
C ILE C 57 6.46 -27.42 -13.60
N THR C 58 5.79 -26.91 -12.57
CA THR C 58 5.55 -25.45 -12.38
C THR C 58 6.37 -24.97 -11.18
N GLU C 59 6.54 -23.67 -11.06
CA GLU C 59 7.14 -22.99 -9.88
C GLU C 59 6.30 -23.31 -8.65
N GLU C 60 4.98 -23.41 -8.80
CA GLU C 60 4.06 -23.77 -7.70
C GLU C 60 4.42 -25.15 -7.14
N ASP C 61 4.84 -26.10 -7.98
CA ASP C 61 5.25 -27.47 -7.55
C ASP C 61 6.42 -27.40 -6.55
N TYR C 62 7.29 -26.39 -6.67
CA TYR C 62 8.44 -26.17 -5.77
C TYR C 62 8.12 -25.26 -4.58
N GLN C 63 6.90 -24.74 -4.44
CA GLN C 63 6.58 -23.78 -3.35
C GLN C 63 6.77 -24.43 -1.98
N PRO C 64 6.31 -25.67 -1.73
CA PRO C 64 6.57 -26.32 -0.43
C PRO C 64 8.06 -26.39 -0.07
N LEU C 65 8.92 -26.73 -1.04
CA LEU C 65 10.39 -26.80 -0.82
C LEU C 65 10.93 -25.38 -0.58
N MET C 66 10.47 -24.40 -1.37
CA MET C 66 10.89 -22.99 -1.22
C MET C 66 10.60 -22.50 0.20
N LYS C 67 9.42 -22.83 0.73
N LYS C 67 9.42 -22.83 0.73
CA LYS C 67 8.99 -22.41 2.10
CA LYS C 67 9.00 -22.41 2.09
C LYS C 67 9.90 -23.05 3.15
C LYS C 67 9.94 -23.05 3.14
N LEU C 68 10.20 -24.35 3.03
CA LEU C 68 11.08 -25.06 4.00
C LEU C 68 12.50 -24.47 3.94
N GLY C 69 12.96 -24.07 2.74
CA GLY C 69 14.32 -23.56 2.49
C GLY C 69 14.46 -22.05 2.60
N THR C 70 13.41 -21.34 3.06
CA THR C 70 13.43 -19.87 3.34
C THR C 70 14.71 -19.54 4.11
N GLN C 71 15.46 -18.57 3.62
CA GLN C 71 16.78 -18.19 4.19
C GLN C 71 17.09 -16.76 3.76
N THR C 72 17.45 -15.91 4.72
CA THR C 72 17.91 -14.51 4.50
C THR C 72 19.43 -14.50 4.70
N VAL C 73 20.18 -14.31 3.61
CA VAL C 73 21.65 -14.07 3.66
C VAL C 73 21.82 -12.57 3.63
N PRO C 74 22.94 -12.00 4.14
CA PRO C 74 23.16 -10.56 4.05
C PRO C 74 23.03 -10.12 2.58
N CYS C 75 22.07 -9.23 2.29
CA CYS C 75 21.64 -8.86 0.92
C CYS C 75 22.77 -8.09 0.20
N ASN C 76 23.68 -7.47 0.96
CA ASN C 76 24.84 -6.71 0.42
C ASN C 76 26.08 -7.59 0.17
N LYS C 77 26.00 -8.90 0.37
N LYS C 77 25.99 -8.92 0.30
CA LYS C 77 27.16 -9.82 0.21
CA LYS C 77 27.16 -9.85 0.23
C LYS C 77 26.80 -10.94 -0.77
C LYS C 77 27.01 -10.89 -0.90
N ILE C 78 26.22 -10.59 -1.93
CA ILE C 78 25.81 -11.58 -2.96
CA ILE C 78 25.78 -11.54 -2.99
C ILE C 78 26.79 -11.51 -4.14
N LEU C 79 27.24 -12.69 -4.58
CA LEU C 79 27.99 -12.87 -5.84
C LEU C 79 27.09 -13.69 -6.77
N LEU C 80 26.74 -13.11 -7.91
CA LEU C 80 26.12 -13.85 -9.04
C LEU C 80 27.26 -14.28 -9.96
N TRP C 81 27.01 -15.27 -10.81
CA TRP C 81 28.02 -15.73 -11.79
C TRP C 81 27.30 -16.23 -13.03
N SER C 82 28.03 -16.27 -14.14
CA SER C 82 27.56 -16.83 -15.43
C SER C 82 28.74 -17.54 -16.10
N ARG C 83 28.63 -18.86 -16.29
CA ARG C 83 29.60 -19.70 -17.04
C ARG C 83 31.00 -19.69 -16.38
N ILE C 84 31.07 -19.56 -15.05
CA ILE C 84 32.35 -19.53 -14.29
C ILE C 84 32.10 -20.02 -12.86
N LYS C 85 31.32 -21.09 -12.71
CA LYS C 85 30.80 -21.52 -11.39
C LYS C 85 31.93 -21.87 -10.43
N ASP C 86 32.93 -22.64 -10.88
CA ASP C 86 33.99 -23.19 -9.98
C ASP C 86 34.79 -22.03 -9.38
N LEU C 87 35.15 -21.02 -10.16
CA LEU C 87 35.91 -19.86 -9.65
C LEU C 87 35.03 -19.04 -8.70
N ALA C 88 33.73 -18.91 -9.00
CA ALA C 88 32.78 -18.17 -8.15
C ALA C 88 32.75 -18.83 -6.77
N HIS C 89 32.62 -20.16 -6.73
CA HIS C 89 32.61 -20.99 -5.50
C HIS C 89 33.94 -20.89 -4.76
N GLN C 90 35.07 -20.91 -5.46
CA GLN C 90 36.42 -20.71 -4.86
C GLN C 90 36.50 -19.33 -4.21
N PHE C 91 35.94 -18.30 -4.87
CA PHE C 91 35.90 -16.92 -4.32
C PHE C 91 35.19 -16.91 -2.95
N THR C 92 34.00 -17.50 -2.86
CA THR C 92 33.22 -17.48 -1.59
C THR C 92 33.86 -18.45 -0.58
N GLN C 93 34.66 -19.44 -1.02
CA GLN C 93 35.47 -20.27 -0.10
C GLN C 93 36.57 -19.43 0.57
N VAL C 94 37.10 -18.39 -0.09
CA VAL C 94 38.21 -17.55 0.47
CA VAL C 94 38.21 -17.53 0.45
C VAL C 94 37.62 -16.29 1.11
N GLN C 95 36.61 -15.67 0.50
CA GLN C 95 35.88 -14.49 1.05
C GLN C 95 34.58 -15.00 1.68
N ARG C 96 34.66 -15.50 2.91
CA ARG C 96 33.67 -16.44 3.51
C ARG C 96 32.38 -15.74 3.96
N ASP C 97 32.35 -14.39 3.98
CA ASP C 97 31.12 -13.63 4.31
C ASP C 97 30.22 -13.45 3.07
N MET C 98 30.70 -13.82 1.87
CA MET C 98 29.93 -13.63 0.61
C MET C 98 29.30 -14.95 0.14
N PHE C 99 28.18 -14.84 -0.59
CA PHE C 99 27.28 -15.95 -0.95
C PHE C 99 27.01 -15.97 -2.46
N THR C 100 27.28 -17.10 -3.11
CA THR C 100 26.64 -17.49 -4.38
C THR C 100 25.32 -18.19 -4.03
N LEU C 101 24.46 -18.38 -5.02
CA LEU C 101 23.19 -19.13 -4.86
C LEU C 101 23.48 -20.51 -4.26
N GLU C 102 24.58 -21.16 -4.65
CA GLU C 102 24.94 -22.52 -4.21
C GLU C 102 25.51 -22.53 -2.78
N ASP C 103 25.74 -21.37 -2.16
CA ASP C 103 26.09 -21.26 -0.72
C ASP C 103 24.83 -21.12 0.14
N THR C 104 23.63 -21.01 -0.46
CA THR C 104 22.33 -21.05 0.26
C THR C 104 21.91 -22.52 0.37
N LEU C 105 21.02 -22.86 1.30
CA LEU C 105 20.61 -24.27 1.50
C LEU C 105 20.08 -24.86 0.19
N LEU C 106 19.14 -24.18 -0.48
CA LEU C 106 18.44 -24.76 -1.66
C LEU C 106 19.43 -24.91 -2.83
N GLY C 107 20.31 -23.93 -3.05
CA GLY C 107 21.34 -23.99 -4.10
C GLY C 107 22.32 -25.13 -3.84
N TYR C 108 22.72 -25.29 -2.57
CA TYR C 108 23.64 -26.34 -2.08
C TYR C 108 23.04 -27.73 -2.36
N LEU C 109 21.76 -27.93 -2.04
CA LEU C 109 21.05 -29.22 -2.24
C LEU C 109 21.15 -29.70 -3.69
N ALA C 110 20.91 -28.81 -4.65
CA ALA C 110 20.62 -29.16 -6.06
C ALA C 110 21.87 -29.04 -6.95
N ASP C 111 22.95 -28.45 -6.45
CA ASP C 111 24.14 -28.09 -7.26
C ASP C 111 24.71 -29.35 -7.93
N ASP C 112 24.85 -29.30 -9.25
CA ASP C 112 25.41 -30.38 -10.12
C ASP C 112 24.50 -31.60 -10.19
N LEU C 113 23.23 -31.51 -9.81
CA LEU C 113 22.33 -32.69 -9.89
C LEU C 113 21.36 -32.50 -11.06
N THR C 114 20.92 -33.62 -11.63
CA THR C 114 19.77 -33.70 -12.57
CA THR C 114 19.78 -33.70 -12.58
C THR C 114 18.74 -34.66 -11.98
N TRP C 115 17.47 -34.37 -12.20
CA TRP C 115 16.40 -35.24 -11.66
C TRP C 115 15.14 -35.14 -12.53
N CYS C 116 14.38 -36.22 -12.58
CA CYS C 116 13.05 -36.24 -13.22
C CYS C 116 12.29 -37.50 -12.77
N GLY C 117 10.98 -37.46 -12.90
CA GLY C 117 10.12 -38.64 -12.79
C GLY C 117 9.39 -38.88 -14.09
N GLU C 118 8.27 -39.59 -14.01
CA GLU C 118 7.44 -39.97 -15.19
C GLU C 118 5.98 -39.89 -14.76
N PHE C 119 5.14 -39.48 -15.69
CA PHE C 119 3.68 -39.42 -15.47
C PHE C 119 3.21 -40.75 -14.89
N ASN C 120 2.48 -40.69 -13.77
CA ASN C 120 1.71 -41.82 -13.19
C ASN C 120 2.65 -42.99 -12.82
N THR C 121 3.84 -42.70 -12.31
CA THR C 121 4.69 -43.69 -11.60
C THR C 121 5.22 -43.05 -10.31
N SER C 122 5.65 -43.87 -9.36
CA SER C 122 6.14 -43.48 -8.01
C SER C 122 7.67 -43.33 -8.01
N LYS C 123 8.33 -43.62 -9.14
CA LYS C 123 9.78 -43.87 -9.20
C LYS C 123 10.51 -42.68 -9.82
N ILE C 124 11.74 -42.44 -9.34
CA ILE C 124 12.73 -41.51 -9.94
C ILE C 124 13.23 -42.16 -11.23
N ASN C 125 13.37 -41.38 -12.30
CA ASN C 125 13.88 -41.89 -13.60
C ASN C 125 15.39 -41.71 -13.63
N TYR C 126 16.14 -42.80 -13.47
CA TYR C 126 17.62 -42.89 -13.61
C TYR C 126 18.05 -43.19 -15.06
N GLN C 127 17.12 -43.46 -15.97
CA GLN C 127 17.40 -43.85 -17.37
C GLN C 127 17.61 -42.61 -18.25
N SER C 128 16.65 -41.67 -18.23
CA SER C 128 16.68 -40.49 -19.13
C SER C 128 15.81 -39.38 -18.54
N CYS C 129 16.20 -38.13 -18.81
CA CYS C 129 15.45 -36.91 -18.42
C CYS C 129 15.44 -35.95 -19.61
N PRO C 130 14.42 -35.07 -19.73
CA PRO C 130 14.35 -34.14 -20.84
C PRO C 130 15.63 -33.30 -20.93
N ASP C 131 16.20 -33.26 -22.13
CA ASP C 131 17.31 -32.34 -22.47
C ASP C 131 16.72 -30.92 -22.61
N TRP C 132 17.36 -29.93 -22.00
CA TRP C 132 16.92 -28.51 -22.10
C TRP C 132 16.83 -28.07 -23.57
N ARG C 133 17.81 -28.43 -24.39
CA ARG C 133 17.92 -27.94 -25.79
C ARG C 133 16.94 -28.69 -26.68
N LYS C 134 16.87 -30.02 -26.56
CA LYS C 134 16.19 -30.89 -27.55
C LYS C 134 14.76 -31.23 -27.11
N ASP C 135 14.48 -31.39 -25.81
CA ASP C 135 13.18 -31.94 -25.33
C ASP C 135 12.29 -30.83 -24.76
N CYS C 136 12.74 -30.12 -23.72
CA CYS C 136 11.91 -29.20 -22.90
CA CYS C 136 11.91 -29.16 -22.95
C CYS C 136 12.80 -28.15 -22.20
N SER C 137 12.61 -26.87 -22.50
CA SER C 137 13.23 -25.72 -21.80
C SER C 137 12.71 -25.68 -20.35
N ASN C 138 11.44 -26.05 -20.15
N ASN C 138 11.45 -26.09 -20.16
CA ASN C 138 10.77 -26.10 -18.82
CA ASN C 138 10.72 -26.14 -18.87
C ASN C 138 10.75 -27.55 -18.36
C ASN C 138 10.74 -27.58 -18.36
N ASN C 139 11.72 -27.92 -17.54
CA ASN C 139 11.93 -29.31 -17.05
C ASN C 139 12.11 -29.19 -15.54
N PRO C 140 12.18 -30.31 -14.77
CA PRO C 140 12.24 -30.20 -13.32
C PRO C 140 13.44 -29.37 -12.83
N VAL C 141 14.56 -29.43 -13.56
CA VAL C 141 15.83 -28.75 -13.13
C VAL C 141 15.74 -27.27 -13.47
N SER C 142 15.37 -26.91 -14.70
CA SER C 142 15.30 -25.50 -15.16
C SER C 142 14.26 -24.74 -14.33
N VAL C 143 13.11 -25.36 -14.05
CA VAL C 143 12.01 -24.73 -13.26
C VAL C 143 12.51 -24.50 -11.83
N PHE C 144 13.23 -25.47 -11.25
CA PHE C 144 13.83 -25.32 -9.90
C PHE C 144 14.74 -24.10 -9.89
N TRP C 145 15.69 -24.02 -10.82
CA TRP C 145 16.71 -22.94 -10.81
C TRP C 145 16.08 -21.57 -11.08
N LYS C 146 15.08 -21.50 -11.96
CA LYS C 146 14.35 -20.24 -12.25
C LYS C 146 13.72 -19.73 -10.94
N THR C 147 13.00 -20.58 -10.22
CA THR C 147 12.24 -20.16 -9.02
C THR C 147 13.23 -19.76 -7.91
N VAL C 148 14.26 -20.56 -7.63
N VAL C 148 14.26 -20.57 -7.67
CA VAL C 148 15.20 -20.31 -6.50
CA VAL C 148 15.22 -20.36 -6.55
C VAL C 148 16.07 -19.08 -6.83
C VAL C 148 16.08 -19.12 -6.84
N SER C 149 16.56 -18.95 -8.07
CA SER C 149 17.48 -17.85 -8.45
C SER C 149 16.71 -16.51 -8.50
N ARG C 150 15.44 -16.49 -8.90
CA ARG C 150 14.63 -15.24 -8.90
C ARG C 150 14.55 -14.71 -7.47
N ARG C 151 14.23 -15.58 -6.51
CA ARG C 151 14.09 -15.21 -5.09
C ARG C 151 15.42 -14.67 -4.55
N PHE C 152 16.54 -15.30 -4.94
CA PHE C 152 17.91 -14.91 -4.52
C PHE C 152 18.26 -13.51 -5.07
N ALA C 153 18.04 -13.29 -6.37
CA ALA C 153 18.31 -12.00 -7.06
C ALA C 153 17.41 -10.89 -6.47
N GLU C 154 16.12 -11.20 -6.26
CA GLU C 154 15.12 -10.25 -5.68
C GLU C 154 15.60 -9.67 -4.36
N ALA C 155 16.28 -10.49 -3.56
CA ALA C 155 16.67 -10.14 -2.17
C ALA C 155 17.95 -9.30 -2.19
N ALA C 156 18.73 -9.31 -3.28
CA ALA C 156 20.03 -8.62 -3.37
C ALA C 156 19.86 -7.12 -3.19
N CYS C 157 20.87 -6.46 -2.62
CA CYS C 157 20.84 -5.03 -2.25
C CYS C 157 22.24 -4.41 -2.37
N ASP C 158 22.29 -3.09 -2.42
CA ASP C 158 23.53 -2.27 -2.37
C ASP C 158 24.38 -2.58 -3.62
N VAL C 159 25.62 -3.03 -3.46
CA VAL C 159 26.50 -3.42 -4.60
C VAL C 159 26.38 -4.93 -4.77
N VAL C 160 25.84 -5.34 -5.91
CA VAL C 160 25.75 -6.77 -6.29
C VAL C 160 26.93 -7.01 -7.23
N HIS C 161 27.66 -8.09 -7.02
CA HIS C 161 28.78 -8.48 -7.92
C HIS C 161 28.32 -9.62 -8.81
N VAL C 162 28.77 -9.63 -10.06
CA VAL C 162 28.58 -10.80 -10.97
C VAL C 162 29.95 -11.15 -11.54
N MET C 163 30.33 -12.42 -11.41
CA MET C 163 31.58 -12.94 -12.04
C MET C 163 31.21 -13.51 -13.42
N LEU C 164 31.94 -13.08 -14.46
CA LEU C 164 31.76 -13.55 -15.85
C LEU C 164 33.09 -14.11 -16.38
N ASN C 165 32.97 -14.95 -17.41
CA ASN C 165 34.10 -15.66 -18.06
C ASN C 165 34.46 -14.94 -19.36
N GLY C 166 35.58 -14.23 -19.36
CA GLY C 166 36.08 -13.44 -20.51
C GLY C 166 36.53 -14.30 -21.69
N SER C 167 36.68 -15.62 -21.52
CA SER C 167 37.09 -16.59 -22.56
C SER C 167 35.87 -17.16 -23.31
N ARG C 168 34.64 -16.84 -22.93
CA ARG C 168 33.41 -17.29 -23.62
C ARG C 168 33.24 -16.50 -24.92
N SER C 169 32.60 -17.11 -25.93
CA SER C 169 32.20 -16.47 -27.21
C SER C 169 31.29 -15.26 -26.89
N LYS C 170 30.31 -15.48 -26.01
CA LYS C 170 29.42 -14.43 -25.44
C LYS C 170 29.70 -14.33 -23.94
N ILE C 171 30.44 -13.30 -23.51
CA ILE C 171 30.84 -13.14 -22.08
C ILE C 171 29.56 -13.01 -21.25
N PHE C 172 28.65 -12.14 -21.68
CA PHE C 172 27.25 -12.08 -21.18
C PHE C 172 26.35 -12.75 -22.22
N ASP C 173 25.56 -13.75 -21.81
CA ASP C 173 24.54 -14.41 -22.67
C ASP C 173 23.23 -14.48 -21.89
N LYS C 174 22.11 -14.51 -22.61
CA LYS C 174 20.75 -14.43 -22.02
C LYS C 174 20.16 -15.84 -21.77
N ASN C 175 20.92 -16.93 -21.97
CA ASN C 175 20.45 -18.32 -21.71
C ASN C 175 20.96 -18.82 -20.34
N SER C 176 21.99 -18.18 -19.77
CA SER C 176 22.40 -18.43 -18.37
C SER C 176 21.24 -18.05 -17.45
N THR C 177 21.18 -18.67 -16.27
CA THR C 177 20.25 -18.28 -15.19
C THR C 177 20.41 -16.78 -14.93
N PHE C 178 21.65 -16.28 -14.91
CA PHE C 178 21.96 -14.84 -14.67
C PHE C 178 21.32 -13.96 -15.75
N GLY C 179 21.60 -14.28 -17.01
CA GLY C 179 21.14 -13.48 -18.17
C GLY C 179 19.64 -13.61 -18.43
N SER C 180 19.02 -14.73 -18.03
CA SER C 180 17.59 -15.05 -18.31
C SER C 180 16.68 -14.61 -17.15
N VAL C 181 17.10 -14.77 -15.89
N VAL C 181 17.14 -14.76 -15.90
CA VAL C 181 16.21 -14.49 -14.72
CA VAL C 181 16.30 -14.59 -14.68
C VAL C 181 16.85 -13.50 -13.73
C VAL C 181 16.88 -13.49 -13.79
N GLU C 182 18.10 -13.70 -13.28
CA GLU C 182 18.67 -12.91 -12.14
C GLU C 182 18.75 -11.42 -12.50
N VAL C 183 19.32 -11.07 -13.65
CA VAL C 183 19.60 -9.66 -14.01
C VAL C 183 18.29 -8.86 -14.05
N HIS C 184 17.19 -9.49 -14.48
CA HIS C 184 15.85 -8.87 -14.67
C HIS C 184 15.06 -8.84 -13.35
N ASN C 185 15.66 -9.26 -12.23
CA ASN C 185 15.02 -9.27 -10.89
C ASN C 185 15.87 -8.51 -9.86
N LEU C 186 16.89 -7.78 -10.31
CA LEU C 186 17.61 -6.81 -9.46
C LEU C 186 16.77 -5.53 -9.43
N GLN C 187 16.37 -5.11 -8.25
CA GLN C 187 15.40 -4.00 -8.08
C GLN C 187 16.17 -2.77 -7.62
N PRO C 188 16.03 -1.61 -8.31
CA PRO C 188 16.72 -0.39 -7.91
C PRO C 188 16.28 0.15 -6.54
N GLU C 189 15.11 -0.26 -6.06
CA GLU C 189 14.67 -0.02 -4.66
C GLU C 189 15.73 -0.52 -3.66
N LYS C 190 16.42 -1.62 -4.00
CA LYS C 190 17.38 -2.32 -3.12
C LYS C 190 18.82 -2.18 -3.64
N VAL C 191 19.01 -2.19 -4.96
CA VAL C 191 20.36 -2.31 -5.60
C VAL C 191 20.78 -0.94 -6.11
N GLN C 192 21.97 -0.50 -5.71
CA GLN C 192 22.62 0.74 -6.19
C GLN C 192 23.41 0.43 -7.48
N THR C 193 24.19 -0.66 -7.47
CA THR C 193 25.22 -0.95 -8.49
C THR C 193 25.30 -2.47 -8.74
N LEU C 194 25.40 -2.84 -10.02
CA LEU C 194 25.91 -4.16 -10.46
C LEU C 194 27.35 -3.97 -10.91
N GLU C 195 28.28 -4.66 -10.25
CA GLU C 195 29.72 -4.66 -10.63
C GLU C 195 30.06 -6.02 -11.24
N ALA C 196 30.46 -6.04 -12.52
CA ALA C 196 30.88 -7.25 -13.25
C ALA C 196 32.40 -7.43 -13.09
N TRP C 197 32.82 -8.64 -12.74
CA TRP C 197 34.23 -9.09 -12.78
C TRP C 197 34.38 -10.01 -14.00
N VAL C 198 35.06 -9.53 -15.03
CA VAL C 198 35.33 -10.32 -16.26
C VAL C 198 36.66 -11.03 -16.04
N ILE C 199 36.61 -12.34 -15.87
CA ILE C 199 37.80 -13.18 -15.55
C ILE C 199 38.52 -13.51 -16.85
N HIS C 200 39.80 -13.12 -16.95
CA HIS C 200 40.72 -13.57 -18.02
C HIS C 200 41.20 -14.98 -17.66
N GLY C 201 40.42 -15.99 -18.01
CA GLY C 201 40.54 -17.35 -17.45
C GLY C 201 41.28 -18.32 -18.37
N GLY C 202 41.78 -17.86 -19.53
CA GLY C 202 42.40 -18.72 -20.55
C GLY C 202 43.83 -18.28 -20.86
N ARG C 203 44.13 -18.09 -22.14
CA ARG C 203 45.43 -17.57 -22.64
C ARG C 203 45.61 -16.14 -22.13
N GLU C 204 46.86 -15.72 -21.90
CA GLU C 204 47.22 -14.30 -21.61
C GLU C 204 46.47 -13.41 -22.61
N ASP C 205 45.80 -12.37 -22.10
CA ASP C 205 44.91 -11.47 -22.88
C ASP C 205 44.91 -10.11 -22.18
N SER C 206 45.63 -9.13 -22.73
CA SER C 206 45.85 -7.81 -22.10
C SER C 206 44.68 -6.85 -22.40
N ARG C 207 43.75 -7.24 -23.28
CA ARG C 207 42.64 -6.38 -23.77
C ARG C 207 41.66 -6.05 -22.63
N ASP C 208 41.05 -4.87 -22.73
CA ASP C 208 39.92 -4.44 -21.88
C ASP C 208 38.66 -5.14 -22.40
N LEU C 209 38.27 -6.25 -21.77
CA LEU C 209 37.09 -7.06 -22.18
C LEU C 209 35.80 -6.43 -21.65
N CYS C 210 35.86 -5.37 -20.85
CA CYS C 210 34.67 -4.57 -20.43
C CYS C 210 34.11 -3.76 -21.60
N GLN C 211 34.87 -3.62 -22.70
CA GLN C 211 34.41 -2.99 -23.96
C GLN C 211 33.77 -4.04 -24.88
N ASP C 212 33.69 -5.31 -24.46
CA ASP C 212 33.07 -6.36 -25.31
C ASP C 212 31.61 -5.97 -25.58
N PRO C 213 31.09 -6.17 -26.82
CA PRO C 213 29.68 -5.89 -27.13
C PRO C 213 28.66 -6.48 -26.15
N THR C 214 28.89 -7.69 -25.63
CA THR C 214 27.93 -8.36 -24.71
C THR C 214 27.94 -7.65 -23.35
N ILE C 215 29.07 -7.04 -22.95
CA ILE C 215 29.15 -6.23 -21.70
C ILE C 215 28.34 -4.94 -21.90
N LYS C 216 28.38 -4.36 -23.10
CA LYS C 216 27.62 -3.13 -23.43
C LYS C 216 26.13 -3.46 -23.40
N GLU C 217 25.77 -4.66 -23.83
CA GLU C 217 24.38 -5.19 -23.77
C GLU C 217 23.95 -5.29 -22.29
N LEU C 218 24.80 -5.87 -21.44
CA LEU C 218 24.50 -6.03 -20.00
C LEU C 218 24.32 -4.64 -19.39
N GLU C 219 25.23 -3.71 -19.69
CA GLU C 219 25.20 -2.31 -19.19
C GLU C 219 23.88 -1.64 -19.58
N SER C 220 23.44 -1.84 -20.81
CA SER C 220 22.17 -1.28 -21.34
C SER C 220 20.98 -1.87 -20.57
N ILE C 221 20.99 -3.18 -20.30
CA ILE C 221 19.88 -3.87 -19.57
C ILE C 221 19.74 -3.26 -18.16
N ILE C 222 20.84 -3.12 -17.42
N ILE C 222 20.86 -3.11 -17.45
CA ILE C 222 20.77 -2.76 -15.98
CA ILE C 222 20.91 -2.67 -16.02
C ILE C 222 20.66 -1.24 -15.85
C ILE C 222 20.58 -1.17 -15.94
N SER C 223 21.00 -0.48 -16.90
N SER C 223 21.04 -0.37 -16.91
CA SER C 223 20.74 0.98 -17.01
CA SER C 223 20.73 1.07 -17.00
C SER C 223 19.23 1.24 -17.05
C SER C 223 19.20 1.28 -17.06
N LYS C 224 18.49 0.42 -17.81
CA LYS C 224 17.01 0.53 -17.91
C LYS C 224 16.31 0.05 -16.64
N ARG C 225 17.02 -0.67 -15.76
CA ARG C 225 16.55 -1.04 -14.40
C ARG C 225 16.92 0.05 -13.38
N ASN C 226 17.45 1.20 -13.80
CA ASN C 226 17.83 2.35 -12.94
C ASN C 226 18.93 1.93 -11.96
N ILE C 227 19.83 1.04 -12.39
CA ILE C 227 20.96 0.54 -11.55
C ILE C 227 22.27 0.95 -12.23
N GLN C 228 23.25 1.39 -11.44
CA GLN C 228 24.59 1.78 -11.94
C GLN C 228 25.33 0.52 -12.38
N PHE C 229 26.13 0.63 -13.43
CA PHE C 229 26.97 -0.47 -13.96
C PHE C 229 28.44 -0.10 -13.75
N SER C 230 29.19 -1.04 -13.20
CA SER C 230 30.66 -1.02 -13.03
C SER C 230 31.21 -2.31 -13.63
N CYS C 231 32.33 -2.25 -14.34
CA CYS C 231 32.99 -3.45 -14.92
C CYS C 231 34.49 -3.38 -14.62
N LYS C 232 35.07 -4.52 -14.24
CA LYS C 232 36.50 -4.67 -13.87
C LYS C 232 37.07 -5.92 -14.55
N ASN C 233 38.20 -5.79 -15.21
CA ASN C 233 38.99 -6.95 -15.73
C ASN C 233 39.69 -7.59 -14.54
N ILE C 234 39.64 -8.92 -14.45
CA ILE C 234 40.55 -9.71 -13.56
C ILE C 234 41.52 -10.44 -14.50
N TYR C 235 42.69 -9.83 -14.75
CA TYR C 235 43.72 -10.30 -15.71
C TYR C 235 44.40 -11.56 -15.17
N ARG C 236 44.43 -11.71 -13.83
CA ARG C 236 45.21 -12.74 -13.09
C ARG C 236 44.33 -13.37 -12.02
N PRO C 237 43.38 -14.27 -12.41
CA PRO C 237 42.43 -14.83 -11.46
C PRO C 237 43.04 -15.56 -10.26
N ASP C 238 44.14 -16.31 -10.44
CA ASP C 238 44.77 -17.07 -9.33
C ASP C 238 45.36 -16.07 -8.33
N LYS C 239 45.99 -15.00 -8.81
CA LYS C 239 46.56 -13.90 -7.98
C LYS C 239 45.41 -13.13 -7.31
N PHE C 240 44.28 -12.96 -8.00
CA PHE C 240 43.06 -12.32 -7.44
C PHE C 240 42.60 -13.10 -6.20
N LEU C 241 42.44 -14.43 -6.29
CA LEU C 241 41.97 -15.26 -5.14
C LEU C 241 42.96 -15.17 -3.98
N GLN C 242 44.26 -15.27 -4.26
CA GLN C 242 45.36 -15.17 -3.25
C GLN C 242 45.25 -13.83 -2.50
N CYS C 243 45.14 -12.72 -3.23
CA CYS C 243 45.11 -11.34 -2.69
C CYS C 243 43.84 -11.08 -1.85
N VAL C 244 42.74 -11.76 -2.17
CA VAL C 244 41.47 -11.70 -1.39
C VAL C 244 41.68 -12.36 -0.02
N LYS C 245 42.32 -13.53 0.02
CA LYS C 245 42.65 -14.27 1.28
C LYS C 245 43.58 -13.41 2.14
N ASN C 246 44.66 -12.90 1.54
CA ASN C 246 45.77 -12.16 2.20
C ASN C 246 45.94 -10.81 1.52
N PRO C 247 45.07 -9.81 1.85
CA PRO C 247 45.25 -8.44 1.35
C PRO C 247 46.34 -7.69 2.11
N GLU C 248 46.82 -6.58 1.54
CA GLU C 248 47.93 -5.73 2.07
C GLU C 248 49.21 -6.58 2.21
N ASP C 249 49.48 -7.44 1.21
CA ASP C 249 50.61 -8.40 1.17
C ASP C 249 51.09 -8.54 -0.29
N SER C 250 52.23 -9.23 -0.48
CA SER C 250 52.75 -9.71 -1.79
C SER C 250 52.93 -8.52 -2.75
N SER C 251 52.95 -8.84 -4.08
N SER C 251 52.95 -8.72 -4.06
CA SER C 251 52.83 -7.96 -5.30
CA SER C 251 52.99 -7.58 -5.01
C SER C 251 51.75 -6.90 -5.09
C SER C 251 51.73 -6.73 -4.88
N CYS C 252 50.54 -7.35 -4.70
CA CYS C 252 49.28 -6.57 -4.57
C CYS C 252 49.22 -5.87 -3.20
S SO4 D . -11.05 11.34 -4.65
O1 SO4 D . -11.88 10.24 -4.25
O2 SO4 D . -10.60 12.08 -3.50
O3 SO4 D . -9.91 10.83 -5.36
O4 SO4 D . -11.79 12.22 -5.51
C1 EDO E . -4.92 0.46 3.81
O1 EDO E . -4.99 0.02 2.46
C2 EDO E . -4.33 1.81 3.98
O2 EDO E . -5.27 2.81 4.28
C1 EDO F . -5.90 9.49 9.81
O1 EDO F . -4.84 9.27 8.89
C2 EDO F . -5.88 10.84 10.43
O2 EDO F . -4.69 11.15 11.16
C1 EDO G . -2.52 23.03 -0.53
O1 EDO G . -3.06 21.77 -0.84
C2 EDO G . -2.06 23.84 -1.69
O2 EDO G . -0.86 23.40 -2.31
C1 NAG H . 35.35 -20.35 -19.25
C2 NAG H . 35.40 -21.54 -18.28
C3 NAG H . 36.13 -22.71 -18.95
C4 NAG H . 35.49 -23.07 -20.31
C5 NAG H . 35.41 -21.80 -21.15
C6 NAG H . 34.77 -22.01 -22.52
C7 NAG H . 37.09 -20.58 -16.70
C8 NAG H . 37.47 -20.35 -15.28
N2 NAG H . 35.91 -21.18 -16.94
O3 NAG H . 36.12 -23.89 -18.13
O4 NAG H . 36.22 -24.08 -21.03
O5 NAG H . 34.67 -20.82 -20.43
O6 NAG H . 35.48 -21.21 -23.46
O7 NAG H . 37.87 -20.22 -17.58
C1 NAG I . 18.50 -18.09 -25.52
C2 NAG I . 17.37 -19.03 -25.99
C3 NAG I . 16.40 -18.34 -26.95
C4 NAG I . 15.94 -17.01 -26.35
C5 NAG I . 17.17 -16.12 -26.16
C6 NAG I . 16.85 -14.70 -25.65
C7 NAG I . 17.39 -21.45 -26.50
C8 NAG I . 18.05 -22.56 -27.27
N2 NAG I . 17.94 -20.23 -26.63
O3 NAG I . 15.24 -19.16 -27.20
O4 NAG I . 14.94 -16.37 -27.16
O5 NAG I . 18.05 -16.75 -25.23
O6 NAG I . 15.59 -14.64 -24.97
O7 NAG I . 16.40 -21.65 -25.81
C1 NAG J . 0.19 -30.66 -15.46
C2 NAG J . -0.89 -31.72 -15.62
C3 NAG J . -2.24 -31.17 -15.14
C4 NAG J . -2.10 -30.63 -13.73
C5 NAG J . -0.98 -29.59 -13.69
C6 NAG J . -0.75 -28.92 -12.34
C7 NAG J . -1.12 -31.54 -18.07
C8 NAG J . -0.93 -32.27 -19.36
N2 NAG J . -0.88 -32.26 -16.98
O3 NAG J . -3.17 -32.23 -15.15
O4 NAG J . -3.33 -30.05 -13.29
O5 NAG J . 0.24 -30.24 -14.11
O6 NAG J . 0.35 -28.00 -12.49
O7 NAG J . -1.44 -30.35 -18.04
S SO4 K . 24.72 -21.10 -16.36
O1 SO4 K . 25.03 -22.47 -16.04
O2 SO4 K . 25.91 -20.28 -16.28
O3 SO4 K . 24.19 -21.05 -17.70
O4 SO4 K . 23.71 -20.62 -15.44
C1 EDO L . 5.87 -22.11 -14.03
O1 EDO L . 4.69 -21.33 -14.16
C2 EDO L . 6.59 -22.45 -15.30
O2 EDO L . 8.02 -22.39 -15.28
C1 EDO M . 4.35 -25.00 -17.09
O1 EDO M . 4.06 -23.73 -16.56
C2 EDO M . 3.42 -25.39 -18.17
O2 EDO M . 3.44 -26.76 -18.49
C1 GOL N . 21.91 -23.53 -12.71
O1 GOL N . 22.62 -24.20 -13.75
C2 GOL N . 22.72 -22.41 -12.10
O2 GOL N . 22.74 -21.28 -12.98
C3 GOL N . 22.19 -21.98 -10.75
O3 GOL N . 22.91 -20.86 -10.20
C1 EDO O . 19.40 5.84 -12.88
O1 EDO O . 19.60 7.20 -13.21
C2 EDO O . 20.64 5.12 -12.49
O2 EDO O . 20.93 5.05 -11.10
C1 EDO P . 21.64 8.58 -11.04
O1 EDO P . 21.41 9.96 -10.80
C2 EDO P . 22.60 7.98 -10.09
O2 EDO P . 22.35 8.31 -8.73
C ACT Q . 11.67 -13.68 -14.85
O ACT Q . 11.68 -13.30 -13.67
OXT ACT Q . 11.45 -14.88 -15.18
CH3 ACT Q . 11.92 -12.65 -15.96
C1 EDO R . 29.14 -18.93 2.94
O1 EDO R . 29.55 -19.07 4.29
C2 EDO R . 30.28 -18.82 2.01
O2 EDO R . 31.24 -19.86 2.13
C1 EDO S . 27.68 -25.93 -3.16
O1 EDO S . 28.08 -26.77 -4.22
C2 EDO S . 28.71 -24.89 -2.81
O2 EDO S . 29.75 -25.35 -1.96
N1 EPE T . 20.50 -23.45 -18.51
C2 EPE T . 19.19 -23.25 -19.13
C3 EPE T . 18.07 -23.37 -18.14
N4 EPE T . 18.23 -22.44 -17.02
C5 EPE T . 19.53 -22.72 -16.39
C6 EPE T . 20.64 -22.51 -17.39
C7 EPE T . 17.13 -22.59 -16.06
C8 EPE T . 17.01 -21.52 -15.02
O8 EPE T . 17.32 -20.25 -15.56
C9 EPE T . 21.60 -23.25 -19.48
C10 EPE T . 21.46 -24.05 -20.75
S EPE T . 22.84 -23.81 -21.84
O1S EPE T . 22.76 -22.43 -22.29
O2S EPE T . 22.73 -24.86 -22.82
O3S EPE T . 24.04 -24.03 -20.91
#